data_176D
#
_entry.id   176D
#
_cell.length_a   1.000
_cell.length_b   1.000
_cell.length_c   1.000
_cell.angle_alpha   90.00
_cell.angle_beta   90.00
_cell.angle_gamma   90.00
#
_symmetry.space_group_name_H-M   'P 1'
#
loop_
_entity.id
_entity.type
_entity.pdbx_description
1 polymer "DNA (5'-D(*GPN*APN*APN*CPN*TPN*CPN)-3')"
2 polymer "RNA (5'-R(P*GP*AP*GP*UP*UP*C)-3')"
#
loop_
_entity_poly.entity_id
_entity_poly.type
_entity_poly.pdbx_seq_one_letter_code
_entity_poly.pdbx_strand_id
1 'peptide nucleic acid' (GPN)(APN)(APN)(CPN)(TPN)(CPN) A
2 'polyribonucleotide' GAGUUC B
#
loop_
_chem_comp.id
_chem_comp.type
_chem_comp.name
_chem_comp.formula
A RNA linking ADENOSINE-5'-MONOPHOSPHATE 'C10 H14 N5 O7 P'
APN peptide-like 2-AMINOETHYLGLYCINE-CARBONYLMETHYLENE-ADENINE 'C11 H16 N7 O3 1'
C RNA linking CYTIDINE-5'-MONOPHOSPHATE 'C9 H14 N3 O8 P'
CPN peptide-like 2-AMINOETHYLGLYCINE-CARBONYLMETHYLENE-CYTOSINE 'C10 H16 N5 O4 1'
G RNA linking GUANOSINE-5'-MONOPHOSPHATE 'C10 H14 N5 O8 P'
GPN peptide-like 2-AMINOETHYLGLYCINE-CARBONYLMETHYLENE-GUANINE 'C11 H16 N7 O4 1'
TPN peptide-like 2-AMINOETHYLGLYCINE-CARBONYLMETHYLENE-THYMINE 'C11 H17 N4 O5 1'
U RNA linking URIDINE-5'-MONOPHOSPHATE 'C9 H13 N2 O9 P'
#
# COMPACT_ATOMS: atom_id res chain seq x y z
C8' GPN A 1 5.80 -9.79 -2.60
C7' GPN A 1 6.75 -8.56 -2.57
O7' GPN A 1 6.67 -7.82 -1.59
C5' GPN A 1 8.66 -7.27 -3.42
C GPN A 1 8.41 -6.08 -4.37
O GPN A 1 8.88 -6.10 -5.51
N4' GPN A 1 7.66 -8.34 -3.55
C3' GPN A 1 7.73 -9.12 -4.81
C2' GPN A 1 8.86 -10.17 -4.81
N GPN A 1 8.66 -11.20 -3.78
N9 GPN A 1 4.36 -9.47 -2.81
C8 GPN A 1 3.28 -10.13 -2.26
N7 GPN A 1 2.12 -9.70 -2.65
C5 GPN A 1 2.42 -8.66 -3.52
C6 GPN A 1 1.55 -7.78 -4.26
O6 GPN A 1 0.32 -7.77 -4.32
N1 GPN A 1 2.25 -6.81 -5.00
C2 GPN A 1 3.62 -6.75 -5.09
N2 GPN A 1 4.14 -5.81 -5.87
N3 GPN A 1 4.45 -7.61 -4.43
C4 GPN A 1 3.80 -8.52 -3.64
H2 GPN A 1 8.77 -10.79 -2.86
H8'1 GPN A 1 5.87 -10.25 -1.62
H8'2 GPN A 1 6.09 -10.55 -3.31
H5'1 GPN A 1 8.73 -6.90 -2.40
H5'2 GPN A 1 9.64 -7.67 -3.65
H3'1 GPN A 1 7.92 -8.46 -5.65
H3'2 GPN A 1 6.78 -9.61 -5.05
H2'1 GPN A 1 8.86 -10.67 -5.78
H2'2 GPN A 1 9.83 -9.70 -4.67
H GPN A 1 9.32 -11.95 -3.89
H3 GPN A 1 7.72 -11.54 -3.89
H8 GPN A 1 3.41 -10.95 -1.57
HN1 GPN A 1 1.67 -6.11 -5.48
HN21 GPN A 1 5.14 -5.76 -6.00
HN22 GPN A 1 3.52 -5.14 -6.30
C8' APN A 2 5.10 -4.93 -1.77
C7' APN A 2 5.53 -3.45 -1.63
O7' APN A 2 5.40 -2.92 -0.53
C5' APN A 2 6.81 -1.50 -2.46
C APN A 2 6.48 -0.42 -3.49
O APN A 2 7.28 -0.13 -4.37
N4' APN A 2 6.10 -2.79 -2.68
C3' APN A 2 6.02 -3.27 -4.08
C2' APN A 2 7.33 -3.87 -4.63
N APN A 2 7.68 -5.07 -3.89
N9 APN A 2 3.65 -5.18 -1.60
C8 APN A 2 3.09 -6.13 -0.77
N7 APN A 2 1.79 -6.21 -0.87
C5 APN A 2 1.46 -5.24 -1.81
C6 APN A 2 0.22 -4.79 -2.35
N6 APN A 2 -0.98 -5.26 -1.97
N1 APN A 2 0.23 -3.82 -3.30
C2 APN A 2 1.40 -3.31 -3.69
N3 APN A 2 2.63 -3.63 -3.24
C4 APN A 2 2.60 -4.62 -2.28
H8'1 APN A 2 5.64 -5.46 -0.98
H8'2 APN A 2 5.41 -5.42 -2.68
H5'1 APN A 2 7.88 -1.70 -2.49
H5'2 APN A 2 6.59 -1.07 -1.47
H3'1 APN A 2 5.75 -2.45 -4.74
H3'2 APN A 2 5.23 -4.00 -4.20
H2'1 APN A 2 8.14 -3.14 -4.56
H2'2 APN A 2 7.18 -4.10 -5.69
H APN A 2 7.26 -5.15 -2.99
H8 APN A 2 3.67 -6.76 -0.12
HN61 APN A 2 -1.02 -6.02 -1.32
HN62 APN A 2 -1.82 -4.87 -2.39
H21 APN A 2 1.35 -2.58 -4.47
C8' APN A 3 2.80 -0.16 -1.39
C7' APN A 3 2.56 1.36 -1.63
O7' APN A 3 2.14 2.02 -0.68
C5' APN A 3 2.77 3.39 -3.00
C APN A 3 1.54 3.85 -3.79
O APN A 3 1.62 4.12 -4.99
N4' APN A 3 2.83 1.93 -2.84
C3' APN A 3 3.15 1.20 -4.08
C2' APN A 3 4.67 1.06 -4.33
N APN A 3 5.26 0.12 -3.39
N9 APN A 3 1.67 -0.94 -0.81
C8 APN A 3 1.78 -2.05 0.01
N7 APN A 3 0.64 -2.63 0.28
C5 APN A 3 -0.30 -1.88 -0.41
C6 APN A 3 -1.72 -1.99 -0.58
N6 APN A 3 -2.48 -2.98 -0.10
N1 APN A 3 -2.36 -1.04 -1.29
C2 APN A 3 -1.65 -0.06 -1.83
N3 APN A 3 -0.32 0.13 -1.82
C4 APN A 3 0.32 -0.83 -1.07
H8'1 APN A 3 3.63 -0.21 -0.68
H8'2 APN A 3 3.13 -0.70 -2.26
H5'1 APN A 3 3.65 3.73 -3.53
H5'2 APN A 3 2.78 3.92 -2.04
H3'1 APN A 3 2.75 1.74 -4.94
H3'2 APN A 3 2.68 0.23 -4.11
H2'1 APN A 3 4.80 0.66 -5.35
H2'2 APN A 3 5.17 2.02 -4.27
H APN A 3 4.64 -0.25 -2.68
H8 APN A 3 2.72 -2.41 0.37
HN61 APN A 3 -2.05 -3.75 0.40
HN62 APN A 3 -3.47 -3.01 -0.31
H21 APN A 3 -2.24 0.67 -2.36
C8' CPN A 4 -0.53 3.35 0.02
C7' CPN A 4 -1.33 4.65 -0.17
O7' CPN A 4 -1.38 5.41 0.80
C5' CPN A 4 -2.52 6.32 -1.53
C CPN A 4 -4.05 6.32 -1.49
O CPN A 4 -4.70 6.33 -2.54
N4' CPN A 4 -1.90 4.99 -1.36
C3' CPN A 4 -2.00 4.10 -2.53
C2' CPN A 4 -0.91 4.33 -3.61
N CPN A 4 0.40 3.96 -3.11
N1 CPN A 4 -1.14 2.26 0.83
C2 CPN A 4 -2.49 1.89 0.66
N3 CPN A 4 -2.97 0.79 1.33
C4 CPN A 4 -2.17 0.05 2.11
C5 CPN A 4 -0.79 0.39 2.29
C6 CPN A 4 -0.32 1.49 1.63
O2 CPN A 4 -3.22 2.53 -0.10
N4 CPN A 4 -2.69 -0.99 2.76
H2 CPN A 4 0.42 3.67 -2.14
H8'1 CPN A 4 0.39 3.68 0.51
H8'2 CPN A 4 -0.19 2.94 -0.92
H5'1 CPN A 4 -2.15 7.05 -0.79
H5'2 CPN A 4 -2.21 6.74 -2.50
H3'1 CPN A 4 -1.97 3.05 -2.22
H3'2 CPN A 4 -2.96 4.25 -3.01
H2'1 CPN A 4 -1.15 3.69 -4.46
H2'2 CPN A 4 -0.91 5.37 -3.94
H5 CPN A 4 -0.11 -0.17 2.91
H6 CPN A 4 0.70 1.77 1.75
HN41 CPN A 4 -2.09 -1.55 3.35
HN42 CPN A 4 -3.67 -1.21 2.67
C8' TPN A 5 -3.69 5.27 2.69
C7' TPN A 5 -4.78 6.22 3.21
O7' TPN A 5 -4.55 6.82 4.26
C5' TPN A 5 -6.85 7.52 2.92
C TPN A 5 -8.34 7.14 3.01
O TPN A 5 -9.15 7.62 2.22
N4' TPN A 5 -5.94 6.43 2.51
C3' TPN A 5 -6.36 5.65 1.33
C2' TPN A 5 -6.06 6.33 -0.03
N TPN A 5 -4.64 6.37 -0.28
N1 TPN A 5 -3.42 4.07 3.54
C6 TPN A 5 -2.14 3.81 3.97
C2 TPN A 5 -4.47 3.17 3.81
O2 TPN A 5 -5.64 3.37 3.46
N3 TPN A 5 -4.15 2.02 4.51
C4 TPN A 5 -2.89 1.69 4.99
O4 TPN A 5 -2.71 0.64 5.61
C5 TPN A 5 -1.85 2.68 4.66
C5M TPN A 5 -0.43 2.51 5.12
H8'1 TPN A 5 -2.81 5.89 2.66
H8'2 TPN A 5 -3.84 4.91 1.68
H5'1 TPN A 5 -6.75 8.33 2.21
H5'2 TPN A 5 -6.60 7.93 3.90
H3'1 TPN A 5 -7.43 5.46 1.35
H3'2 TPN A 5 -5.89 4.66 1.32
H2'1 TPN A 5 -6.47 7.34 -0.05
H2'2 TPN A 5 -6.56 5.74 -0.81
H TPN A 5 -4.04 6.29 0.53
H6 TPN A 5 -1.31 4.46 3.77
HN3 TPN A 5 -4.93 1.40 4.71
HM51 TPN A 5 -0.26 1.51 5.52
HM52 TPN A 5 0.24 2.69 4.28
HM53 TPN A 5 -0.24 3.26 5.89
C8' CPN A 6 -7.12 4.35 6.35
C7' CPN A 6 -8.19 5.11 7.17
O7' CPN A 6 -7.86 5.60 8.25
C5' CPN A 6 -10.41 6.08 7.43
C CPN A 6 -10.17 7.57 7.18
O CPN A 6 -9.02 8.02 7.33
OXT CPN A 6 -11.12 8.21 6.66
N4' CPN A 6 -9.45 5.26 6.68
C3' CPN A 6 -9.94 4.72 5.40
C2' CPN A 6 -10.00 5.79 4.28
N CPN A 6 -8.66 6.29 3.99
N1 CPN A 6 -6.04 3.76 7.19
C2 CPN A 6 -6.39 2.70 8.06
N3 CPN A 6 -5.40 1.98 8.65
C4 CPN A 6 -4.12 2.28 8.45
C5 CPN A 6 -3.72 3.39 7.61
C6 CPN A 6 -4.71 4.10 7.00
O2 CPN A 6 -7.57 2.41 8.27
N4 CPN A 6 -3.20 1.44 8.94
H8'1 CPN A 6 -6.72 4.99 5.58
H8'2 CPN A 6 -7.55 3.49 5.88
H5'1 CPN A 6 -10.33 5.89 8.50
H5'2 CPN A 6 -11.43 5.82 7.17
H3'1 CPN A 6 -9.35 3.90 5.00
H3'2 CPN A 6 -10.96 4.35 5.53
H2'1 CPN A 6 -10.40 5.34 3.38
H2'2 CPN A 6 -10.65 6.62 4.56
H CPN A 6 -7.92 5.93 4.56
H5 CPN A 6 -2.70 3.63 7.39
H6 CPN A 6 -4.45 4.90 6.34
HN41 CPN A 6 -2.22 1.58 8.78
HN42 CPN A 6 -3.54 0.57 9.36
C8' GPN A 1 5.89 -9.93 -4.47
C7' GPN A 1 6.68 -9.05 -3.47
O7' GPN A 1 6.06 -8.39 -2.65
C5' GPN A 1 8.77 -8.04 -2.70
C GPN A 1 9.02 -6.74 -3.47
O GPN A 1 10.06 -6.59 -4.10
N4' GPN A 1 8.04 -9.02 -3.53
C3' GPN A 1 8.87 -9.81 -4.46
C2' GPN A 1 9.72 -10.89 -3.74
N GPN A 1 8.88 -11.90 -3.07
N9 GPN A 1 4.42 -9.65 -4.47
C8 GPN A 1 3.42 -10.49 -4.06
N7 GPN A 1 2.22 -9.99 -4.18
C5 GPN A 1 2.43 -8.73 -4.73
C6 GPN A 1 1.49 -7.69 -5.12
O6 GPN A 1 0.26 -7.72 -5.05
N1 GPN A 1 2.10 -6.54 -5.63
C2 GPN A 1 3.48 -6.42 -5.79
N2 GPN A 1 3.92 -5.30 -6.34
N3 GPN A 1 4.37 -7.38 -5.44
C4 GPN A 1 3.79 -8.51 -4.91
H2 GPN A 1 8.38 -11.47 -2.30
H8'1 GPN A 1 6.05 -10.98 -4.22
H8'2 GPN A 1 6.21 -9.76 -5.49
H5'1 GPN A 1 8.24 -7.81 -1.78
H5'2 GPN A 1 9.74 -8.43 -2.40
H3'1 GPN A 1 9.55 -9.15 -4.99
H3'2 GPN A 1 8.29 -10.34 -5.21
H2'1 GPN A 1 10.41 -10.45 -3.02
H2'2 GPN A 1 10.32 -11.41 -4.50
H GPN A 1 9.46 -12.65 -2.73
H3 GPN A 1 8.23 -12.25 -3.76
H8 GPN A 1 3.62 -11.47 -3.67
HN1 GPN A 1 1.50 -5.79 -5.93
HN21 GPN A 1 4.91 -5.17 -6.48
HN22 GPN A 1 3.26 -4.60 -6.63
C8' APN A 2 5.07 -5.43 -2.20
C7' APN A 2 5.62 -4.04 -1.84
O7' APN A 2 5.36 -3.60 -0.72
C5' APN A 2 6.97 -2.03 -2.31
C APN A 2 6.61 -0.87 -3.25
O APN A 2 7.47 -0.35 -3.96
N4' APN A 2 6.40 -3.34 -2.71
C3' APN A 2 6.77 -3.79 -4.07
C2' APN A 2 8.11 -4.53 -4.15
N APN A 2 8.05 -5.80 -3.43
N9 APN A 2 3.60 -5.58 -2.00
C8 APN A 2 2.95 -6.54 -1.27
N7 APN A 2 1.65 -6.49 -1.33
C5 APN A 2 1.39 -5.41 -2.17
C6 APN A 2 0.18 -4.81 -2.66
N6 APN A 2 -1.05 -5.21 -2.35
N1 APN A 2 0.29 -3.75 -3.51
C2 APN A 2 1.51 -3.31 -3.84
N3 APN A 2 2.70 -3.78 -3.44
C4 APN A 2 2.58 -4.86 -2.59
H8'1 APN A 2 5.55 -6.13 -1.52
H8'2 APN A 2 5.29 -5.78 -3.18
H5'1 APN A 2 6.67 -1.73 -1.31
H5'2 APN A 2 8.06 -2.13 -2.28
H3'1 APN A 2 6.87 -2.93 -4.74
H3'2 APN A 2 5.99 -4.40 -4.52
H2'1 APN A 2 8.91 -3.92 -3.74
H2'2 APN A 2 8.33 -4.73 -5.20
H APN A 2 7.20 -5.99 -2.93
H8 APN A 2 3.46 -7.29 -0.70
HN61 APN A 2 -1.19 -5.95 -1.68
HN62 APN A 2 -1.85 -4.72 -2.74
H21 APN A 2 1.52 -2.44 -4.48
C8' APN A 3 2.97 -0.60 -1.01
C7' APN A 3 2.82 0.93 -1.20
O7' APN A 3 2.47 1.59 -0.22
C5' APN A 3 3.21 3.00 -2.49
C APN A 3 2.08 3.62 -3.33
O APN A 3 2.31 4.05 -4.46
N4' APN A 3 3.11 1.53 -2.38
C3' APN A 3 3.26 0.81 -3.68
C2' APN A 3 4.73 0.53 -4.08
N APN A 3 5.34 -0.47 -3.23
N9 APN A 3 1.78 -1.34 -0.52
C8 APN A 3 1.80 -2.52 0.20
N7 APN A 3 0.63 -3.03 0.45
C5 APN A 3 -0.25 -2.17 -0.22
C6 APN A 3 -1.66 -2.21 -0.48
N6 APN A 3 -2.48 -3.17 -0.02
N1 APN A 3 -2.20 -1.26 -1.26
C2 APN A 3 -1.40 -0.31 -1.76
N3 APN A 3 -0.08 -0.15 -1.59
C4 APN A 3 0.45 -1.14 -0.81
H8'1 APN A 3 3.76 -0.72 -0.27
H8'2 APN A 3 3.31 -1.13 -1.88
H5'1 APN A 3 3.21 3.48 -1.52
H5'2 APN A 3 4.16 3.25 -2.96
H3'1 APN A 3 2.83 1.40 -4.48
H3'2 APN A 3 2.70 -0.13 -3.68
H2'1 APN A 3 5.31 1.45 -4.05
H2'2 APN A 3 4.73 0.15 -5.10
H APN A 3 4.72 -0.95 -2.59
H8 APN A 3 2.71 -2.98 0.50
HN61 APN A 3 -2.14 -3.85 0.63
HN62 APN A 3 -3.45 -3.18 -0.31
H21 APN A 3 -1.90 0.42 -2.38
C8' CPN A 4 -0.29 3.00 0.24
C7' CPN A 4 -1.03 4.33 0.06
O7' CPN A 4 -1.13 5.05 1.06
C5' CPN A 4 -2.02 6.13 -1.33
C CPN A 4 -3.53 6.22 -1.64
O CPN A 4 -3.92 6.38 -2.79
N4' CPN A 4 -1.51 4.75 -1.15
C3' CPN A 4 -1.54 3.92 -2.37
C2' CPN A 4 -0.35 4.16 -3.34
N CPN A 4 0.89 3.69 -2.74
N1 CPN A 4 -0.94 1.91 1.02
C2 CPN A 4 -2.32 1.62 0.89
N3 CPN A 4 -2.85 0.62 1.66
C4 CPN A 4 -2.09 -0.11 2.50
C5 CPN A 4 -0.68 0.11 2.60
C6 CPN A 4 -0.16 1.13 1.85
O2 CPN A 4 -3.03 2.27 0.13
N4 CPN A 4 -2.68 -1.04 3.25
H2 CPN A 4 0.81 3.30 -1.83
H8'1 CPN A 4 0.64 3.30 0.75
H8'2 CPN A 4 0.06 2.58 -0.69
H5'1 CPN A 4 -1.49 6.59 -2.15
H5'2 CPN A 4 -1.83 6.75 -0.45
H3'1 CPN A 4 -1.58 2.85 -2.12
H3'2 CPN A 4 -2.45 4.12 -2.92
H2'1 CPN A 4 -0.53 3.61 -4.26
H2'2 CPN A 4 -0.26 5.22 -3.58
H5 CPN A 4 -0.02 -0.45 3.23
H6 CPN A 4 0.89 1.32 1.91
HN41 CPN A 4 -2.14 -1.55 3.94
HN42 CPN A 4 -3.68 -1.19 3.17
C8' TPN A 5 -4.01 4.98 2.31
C7' TPN A 5 -5.10 5.99 2.74
O7' TPN A 5 -4.99 6.52 3.84
C5' TPN A 5 -6.90 7.53 2.15
C TPN A 5 -8.38 7.23 2.40
O TPN A 5 -9.23 7.50 1.55
N4' TPN A 5 -6.09 6.31 1.88
C3' TPN A 5 -6.42 5.60 0.63
C2' TPN A 5 -5.81 6.22 -0.64
N TPN A 5 -4.36 6.16 -0.59
N1 TPN A 5 -3.73 3.90 3.29
C6 TPN A 5 -2.45 3.69 3.76
C2 TPN A 5 -4.77 3.01 3.62
O2 TPN A 5 -5.92 3.15 3.23
N3 TPN A 5 -4.45 1.97 4.50
C4 TPN A 5 -3.18 1.70 5.00
O4 TPN A 5 -3.01 0.73 5.72
C5 TPN A 5 -2.15 2.64 4.56
C5M TPN A 5 -0.70 2.50 5.00
H8'1 TPN A 5 -3.12 5.61 2.21
H8'2 TPN A 5 -4.16 4.50 1.36
H5'1 TPN A 5 -6.84 8.19 1.28
H5'2 TPN A 5 -6.54 8.10 3.00
H3'1 TPN A 5 -7.49 5.61 0.48
H3'2 TPN A 5 -6.14 4.55 0.69
H2'1 TPN A 5 -6.17 5.66 -1.50
H2'2 TPN A 5 -6.12 7.26 -0.76
H TPN A 5 -3.97 5.95 0.31
H6 TPN A 5 -1.63 4.32 3.50
HN3 TPN A 5 -5.23 1.40 4.78
HM51 TPN A 5 -0.48 1.47 5.29
HM52 TPN A 5 -0.04 2.79 4.18
HM53 TPN A 5 -0.54 3.18 5.84
C8' CPN A 6 -7.24 4.75 6.19
C7' CPN A 6 -8.10 5.80 6.91
O7' CPN A 6 -7.64 6.35 7.92
C5' CPN A 6 -10.04 7.29 7.01
C CPN A 6 -9.47 8.65 6.58
O CPN A 6 -10.18 9.66 6.80
OXT CPN A 6 -8.35 8.69 6.00
N4' CPN A 6 -9.32 6.14 6.43
C3' CPN A 6 -9.99 5.50 5.28
C2' CPN A 6 -10.04 6.37 4.02
N CPN A 6 -8.69 6.68 3.57
N1 CPN A 6 -6.17 4.16 7.03
C2 CPN A 6 -6.54 3.25 8.03
N3 CPN A 6 -5.58 2.52 8.67
C4 CPN A 6 -4.28 2.75 8.41
C5 CPN A 6 -3.86 3.74 7.44
C6 CPN A 6 -4.84 4.42 6.77
O2 CPN A 6 -7.74 3.07 8.30
N4 CPN A 6 -3.41 1.89 8.93
H8'1 CPN A 6 -6.84 5.17 5.27
H8'2 CPN A 6 -7.83 3.89 5.91
H5'1 CPN A 6 -11.09 7.27 6.72
H5'2 CPN A 6 -10.02 7.24 8.10
H3'1 CPN A 6 -9.53 4.55 4.97
H3'2 CPN A 6 -11.01 5.26 5.56
H2'1 CPN A 6 -10.58 7.30 4.21
H2'2 CPN A 6 -10.56 5.83 3.23
H CPN A 6 -7.94 6.47 4.22
H5 CPN A 6 -2.84 3.93 7.17
H6 CPN A 6 -4.56 5.12 6.01
HN41 CPN A 6 -2.42 1.99 8.77
HN42 CPN A 6 -3.78 1.08 9.41
C8' GPN A 1 6.00 -9.43 -4.83
C7' GPN A 1 6.79 -8.57 -3.82
O7' GPN A 1 6.18 -7.87 -3.03
C5' GPN A 1 8.91 -7.68 -2.97
C GPN A 1 9.36 -6.43 -3.76
O GPN A 1 10.45 -6.42 -4.34
N4' GPN A 1 8.15 -8.61 -3.83
C3' GPN A 1 8.96 -9.49 -4.69
C2' GPN A 1 9.56 -10.69 -3.93
N GPN A 1 8.51 -11.58 -3.40
N9 GPN A 1 4.55 -9.11 -4.85
C8 GPN A 1 3.50 -9.89 -4.45
N7 GPN A 1 2.34 -9.33 -4.56
C5 GPN A 1 2.62 -8.07 -5.09
C6 GPN A 1 1.74 -6.99 -5.46
O6 GPN A 1 0.52 -6.95 -5.37
N1 GPN A 1 2.42 -5.89 -6.01
C2 GPN A 1 3.80 -5.84 -6.16
N2 GPN A 1 4.31 -4.74 -6.72
N3 GPN A 1 4.63 -6.85 -5.80
C4 GPN A 1 3.99 -7.94 -5.28
H2 GPN A 1 8.92 -12.44 -3.07
H8'1 GPN A 1 6.12 -10.49 -4.56
H8'2 GPN A 1 6.35 -9.29 -5.84
H5'1 GPN A 1 8.35 -7.37 -2.09
H5'2 GPN A 1 9.81 -8.17 -2.59
H3'1 GPN A 1 9.79 -8.92 -5.11
H3'2 GPN A 1 8.40 -9.89 -5.53
H2'1 GPN A 1 10.20 -10.37 -3.11
H2'2 GPN A 1 10.16 -11.27 -4.63
H GPN A 1 8.04 -11.12 -2.63
H3 GPN A 1 7.86 -11.75 -4.14
H8 GPN A 1 3.66 -10.90 -4.08
HN1 GPN A 1 1.86 -5.11 -6.33
HN21 GPN A 1 5.30 -4.67 -6.86
HN22 GPN A 1 3.69 -3.99 -7.01
C8' APN A 2 5.72 -4.86 -2.67
C7' APN A 2 6.12 -3.38 -2.46
O7' APN A 2 5.67 -2.79 -1.46
C5' APN A 2 7.36 -1.35 -3.07
C APN A 2 6.63 -0.39 -4.01
O APN A 2 7.21 0.12 -4.97
N4' APN A 2 6.97 -2.75 -3.31
C3' APN A 2 7.46 -3.31 -4.59
C2' APN A 2 8.76 -4.14 -4.48
N APN A 2 8.52 -5.38 -3.76
N9 APN A 2 4.32 -5.22 -2.31
C8 APN A 2 3.91 -6.32 -1.59
N7 APN A 2 2.63 -6.54 -1.61
C5 APN A 2 2.13 -5.49 -2.38
C6 APN A 2 0.82 -5.12 -2.81
N6 APN A 2 -0.29 -5.82 -2.52
N1 APN A 2 0.67 -4.01 -3.55
C2 APN A 2 1.74 -3.29 -3.88
N3 APN A 2 3.02 -3.53 -3.56
C4 APN A 2 3.16 -4.67 -2.80
H8'1 APN A 2 6.38 -5.45 -2.04
H8'2 APN A 2 5.84 -5.19 -3.70
H5'1 APN A 2 8.44 -1.25 -3.23
H5'2 APN A 2 7.19 -1.02 -2.03
H3'1 APN A 2 6.71 -3.90 -5.09
H3'2 APN A 2 7.70 -2.50 -5.27
H2'1 APN A 2 9.11 -4.36 -5.48
H2'2 APN A 2 9.54 -3.56 -3.96
H APN A 2 7.63 -5.47 -3.31
H8 APN A 2 4.60 -6.97 -1.08
HN61 APN A 2 -0.22 -6.66 -1.96
HN62 APN A 2 -1.18 -5.48 -2.84
H21 APN A 2 1.57 -2.40 -4.45
C8' APN A 3 3.14 -0.60 -1.17
C7' APN A 3 2.84 0.90 -1.39
O7' APN A 3 2.48 1.55 -0.42
C5' APN A 3 3.10 2.94 -2.75
C APN A 3 1.98 3.57 -3.59
O APN A 3 2.24 4.19 -4.62
N4' APN A 3 3.01 1.47 -2.61
C3' APN A 3 3.05 0.72 -3.89
C2' APN A 3 4.45 0.65 -4.53
N APN A 3 5.35 -0.14 -3.72
N9 APN A 3 2.01 -1.46 -0.74
C8 APN A 3 2.10 -2.58 0.04
N7 APN A 3 0.97 -3.16 0.31
C5 APN A 3 0.03 -2.40 -0.39
C6 APN A 3 -1.38 -2.51 -0.57
N6 APN A 3 -2.15 -3.43 0.01
N1 APN A 3 -2.01 -1.60 -1.36
C2 APN A 3 -1.29 -0.63 -1.93
N3 APN A 3 0.03 -0.43 -1.84
C4 APN A 3 0.66 -1.36 -1.05
H8'1 APN A 3 3.88 -0.62 -0.37
H8'2 APN A 3 3.63 -1.08 -2.01
H5'1 APN A 3 3.09 3.44 -1.78
H5'2 APN A 3 4.06 3.19 -3.20
H3'1 APN A 3 2.39 1.19 -4.61
H3'2 APN A 3 2.67 -0.30 -3.76
H2'1 APN A 3 4.35 0.16 -5.51
H2'2 APN A 3 4.85 1.65 -4.70
H APN A 3 4.96 -0.57 -2.90
H8 APN A 3 3.03 -2.94 0.42
HN61 APN A 3 -1.73 -4.08 0.66
HN62 APN A 3 -3.14 -3.48 -0.19
H21 APN A 3 -1.85 0.08 -2.50
C8' CPN A 4 -0.33 2.93 -0.03
C7' CPN A 4 -1.10 4.24 -0.27
O7' CPN A 4 -1.21 5.00 0.68
C5' CPN A 4 -2.16 5.91 -1.74
C CPN A 4 -3.69 5.93 -1.83
O CPN A 4 -4.24 6.07 -2.93
N4' CPN A 4 -1.60 4.56 -1.50
C3' CPN A 4 -1.67 3.66 -2.66
C2' CPN A 4 -0.50 3.85 -3.68
N CPN A 4 0.75 3.41 -3.10
N1 CPN A 4 -0.99 1.91 0.82
C2 CPN A 4 -2.35 1.58 0.64
N3 CPN A 4 -2.89 0.54 1.36
C4 CPN A 4 -2.13 -0.17 2.23
C5 CPN A 4 -0.75 0.14 2.41
C6 CPN A 4 -0.22 1.16 1.69
O2 CPN A 4 -3.07 2.19 -0.14
N4 CPN A 4 -2.68 -1.20 2.88
H2 CPN A 4 0.69 2.88 -2.25
H8'1 CPN A 4 0.58 3.25 0.45
H8'2 CPN A 4 0.00 2.45 -0.93
H5'1 CPN A 4 -1.76 6.31 -2.67
H5'2 CPN A 4 -1.87 6.62 -0.96
H3'1 CPN A 4 -2.59 3.83 -3.21
H3'2 CPN A 4 -1.69 2.61 -2.35
H2'1 CPN A 4 -0.71 3.23 -4.56
H2'2 CPN A 4 -0.44 4.89 -4.00
H5 CPN A 4 -0.11 -0.40 3.08
H6 CPN A 4 0.83 1.37 1.78
HN41 CPN A 4 -2.12 -1.71 3.55
HN42 CPN A 4 -3.63 -1.49 2.67
C8' TPN A 5 -3.65 5.22 2.45
C7' TPN A 5 -4.79 6.20 2.79
O7' TPN A 5 -4.66 6.88 3.81
C5' TPN A 5 -6.75 7.49 2.10
C TPN A 5 -8.23 7.16 2.26
O TPN A 5 -9.03 7.45 1.38
N4' TPN A 5 -5.85 6.33 1.96
C3' TPN A 5 -6.21 5.38 0.88
C2' TPN A 5 -5.82 5.84 -0.54
N TPN A 5 -4.36 5.86 -0.69
N1 TPN A 5 -3.45 4.13 3.45
C6 TPN A 5 -2.18 3.83 3.89
C2 TPN A 5 -4.54 3.28 3.74
O2 TPN A 5 -5.70 3.52 3.43
N3 TPN A 5 -4.24 2.10 4.41
C4 TPN A 5 -2.97 1.71 4.85
O4 TPN A 5 -2.82 0.63 5.41
C5 TPN A 5 -1.92 2.68 4.55
C5M TPN A 5 -0.49 2.48 5.01
H8'1 TPN A 5 -2.76 5.85 2.42
H8'2 TPN A 5 -3.72 4.73 1.49
H5'1 TPN A 5 -6.49 8.11 2.97
H5'2 TPN A 5 -6.64 8.12 1.24
H3'1 TPN A 5 -5.77 4.39 1.05
H3'2 TPN A 5 -7.28 5.23 0.87
H2'1 TPN A 5 -6.22 6.83 -0.76
H2'2 TPN A 5 -6.24 5.13 -1.26
H TPN A 5 -3.83 5.71 0.15
H6 TPN A 5 -1.34 4.45 3.68
HN3 TPN A 5 -5.04 1.53 4.66
HM51 TPN A 5 -0.27 3.23 5.76
HM52 TPN A 5 -0.34 1.48 5.40
HM53 TPN A 5 0.18 2.64 4.16
C8' CPN A 6 -7.06 4.85 5.99
C7' CPN A 6 -8.08 5.77 6.70
O7' CPN A 6 -7.71 6.40 7.69
C5' CPN A 6 -10.34 6.69 6.96
C CPN A 6 -10.70 6.11 8.34
O CPN A 6 -10.82 4.86 8.44
OXT CPN A 6 -11.12 6.93 9.18
N4' CPN A 6 -9.35 5.88 6.22
C3' CPN A 6 -9.89 5.23 5.00
C2' CPN A 6 -9.93 6.16 3.78
N CPN A 6 -8.58 6.55 3.40
N1 CPN A 6 -6.07 4.19 6.89
C2 CPN A 6 -6.53 3.15 7.72
N3 CPN A 6 -5.63 2.34 8.35
C4 CPN A 6 -4.32 2.51 8.19
C5 CPN A 6 -3.80 3.61 7.38
C6 CPN A 6 -4.71 4.41 6.76
O2 CPN A 6 -7.75 2.96 7.86
N4 CPN A 6 -3.50 1.56 8.64
H8'1 CPN A 6 -6.58 5.37 5.17
H8'2 CPN A 6 -7.54 4.02 5.53
H5'1 CPN A 6 -11.26 6.82 6.41
H5'2 CPN A 6 -9.92 7.70 7.10
H3'1 CPN A 6 -10.91 4.91 5.21
H3'2 CPN A 6 -9.35 4.33 4.71
H2'1 CPN A 6 -10.52 7.05 4.00
H2'2 CPN A 6 -10.40 5.62 2.95
H CPN A 6 -7.84 6.29 4.04
H5 CPN A 6 -2.76 3.76 7.20
H6 CPN A 6 -4.36 5.16 6.09
HN41 CPN A 6 -2.51 1.64 8.52
HN42 CPN A 6 -3.93 0.75 9.07
C8' GPN A 1 5.14 -9.64 -4.47
C7' GPN A 1 5.43 -9.15 -3.05
O7' GPN A 1 4.75 -8.24 -2.57
C5' GPN A 1 6.98 -9.00 -1.15
C GPN A 1 7.99 -7.90 -1.54
O GPN A 1 9.19 -8.12 -1.47
N4' GPN A 1 6.47 -9.68 -2.35
C3' GPN A 1 7.13 -10.93 -2.73
C2' GPN A 1 8.37 -10.71 -3.62
N GPN A 1 8.60 -11.88 -4.50
N9 GPN A 1 3.80 -9.23 -4.94
C8 GPN A 1 2.69 -10.03 -4.99
N7 GPN A 1 1.59 -9.39 -5.28
C5 GPN A 1 2.01 -8.07 -5.47
C6 GPN A 1 1.25 -6.91 -5.82
O6 GPN A 1 0.04 -6.81 -5.97
N1 GPN A 1 2.04 -5.77 -6.02
C2 GPN A 1 3.41 -5.74 -5.83
N2 GPN A 1 3.98 -4.56 -6.04
N3 GPN A 1 4.13 -6.82 -5.45
C4 GPN A 1 3.37 -7.97 -5.30
H2 GPN A 1 8.80 -12.69 -3.92
H8'1 GPN A 1 5.16 -10.74 -4.55
H8'2 GPN A 1 5.86 -9.27 -5.16
H5'1 GPN A 1 6.16 -8.55 -0.57
H5'2 GPN A 1 7.48 -9.70 -0.48
H3'1 GPN A 1 6.43 -11.61 -3.21
H3'2 GPN A 1 7.47 -11.47 -1.84
H2'1 GPN A 1 9.26 -10.56 -3.01
H2'2 GPN A 1 8.25 -9.84 -4.27
H GPN A 1 7.76 -12.06 -5.04
H3 GPN A 1 9.38 -11.71 -5.11
H8 GPN A 1 2.76 -11.08 -4.78
HN1 GPN A 1 1.57 -4.93 -6.36
HN21 GPN A 1 4.96 -4.42 -5.86
HN22 GPN A 1 3.40 -3.78 -6.37
C8' APN A 2 4.75 -5.40 -1.69
C7' APN A 2 5.40 -4.04 -1.37
O7' APN A 2 4.84 -3.30 -0.55
C5' APN A 2 7.28 -2.46 -1.53
C APN A 2 7.08 -1.35 -2.57
O APN A 2 7.98 -1.05 -3.35
N4' APN A 2 6.60 -3.70 -1.91
C3' APN A 2 7.30 -4.49 -2.95
C2' APN A 2 8.24 -5.57 -2.36
N APN A 2 7.47 -6.74 -1.96
N9 APN A 2 3.27 -5.48 -1.61
C8 APN A 2 2.53 -6.53 -1.11
N7 APN A 2 1.26 -6.49 -1.42
C5 APN A 2 1.14 -5.33 -2.18
C6 APN A 2 0.04 -4.72 -2.86
N6 APN A 2 -1.18 -5.25 -2.89
N1 APN A 2 0.25 -3.55 -3.52
C2 APN A 2 1.48 -3.03 -3.51
N3 APN A 2 2.60 -3.51 -2.93
C4 APN A 2 2.36 -4.69 -2.28
H8'1 APN A 2 5.13 -6.11 -0.95
H8'2 APN A 2 4.99 -5.75 -2.68
H5'1 APN A 2 6.94 -2.09 -0.56
H5'2 APN A 2 8.35 -2.64 -1.43
H3'1 APN A 2 6.62 -4.93 -3.69
H3'2 APN A 2 7.95 -3.83 -3.52
H2'1 APN A 2 8.94 -5.88 -3.14
H2'2 APN A 2 8.81 -5.18 -1.52
H APN A 2 6.47 -6.67 -2.02
H8 APN A 2 2.97 -7.33 -0.52
HN61 APN A 2 -1.37 -6.10 -2.38
HN62 APN A 2 -1.93 -4.76 -3.37
H21 APN A 2 1.57 -2.07 -3.99
C8' APN A 3 3.21 -0.59 -0.69
C7' APN A 3 3.01 0.87 -1.17
O7' APN A 3 2.52 1.67 -0.37
C5' APN A 3 3.47 2.68 -2.79
C APN A 3 2.34 3.06 -3.75
O APN A 3 2.57 3.21 -4.96
N4' APN A 3 3.44 1.25 -2.41
C3' APN A 3 3.87 0.33 -3.48
C2' APN A 3 5.40 0.18 -3.57
N APN A 3 5.87 -0.76 -2.58
N9 APN A 3 2.00 -1.35 -0.26
C8 APN A 3 2.00 -2.47 0.53
N7 APN A 3 0.84 -3.05 0.68
C5 APN A 3 0.00 -2.29 -0.11
C6 APN A 3 -1.38 -2.41 -0.46
N6 APN A 3 -2.20 -3.35 0.01
N1 APN A 3 -1.89 -1.54 -1.38
C2 APN A 3 -1.10 -0.59 -1.88
N3 APN A 3 0.19 -0.37 -1.63
C4 APN A 3 0.70 -1.26 -0.72
H8'1 APN A 3 3.87 -0.53 0.17
H8'2 APN A 3 3.70 -1.23 -1.40
H5'1 APN A 3 3.42 3.34 -1.91
H5'2 APN A 3 4.42 2.91 -3.28
H3'1 APN A 3 3.39 -0.64 -3.42
H3'2 APN A 3 3.55 0.74 -4.44
H2'1 APN A 3 5.92 1.14 -3.46
H2'2 APN A 3 5.64 -0.21 -4.57
H APN A 3 5.20 -1.09 -1.90
H8 APN A 3 2.90 -2.85 0.97
HN61 APN A 3 -1.86 -4.02 0.69
HN62 APN A 3 -3.16 -3.40 -0.32
H21 APN A 3 -1.58 0.11 -2.53
C8' CPN A 4 -0.31 3.00 -0.14
C7' CPN A 4 -1.19 4.16 -0.67
O7' CPN A 4 -1.48 5.04 0.14
C5' CPN A 4 -2.42 5.32 -2.45
C CPN A 4 -3.90 4.94 -2.60
O CPN A 4 -4.32 4.47 -3.64
N4' CPN A 4 -1.59 4.20 -1.96
C3' CPN A 4 -1.31 3.17 -2.98
C2' CPN A 4 -0.11 3.51 -3.89
N CPN A 4 1.14 3.22 -3.20
N1 CPN A 4 -0.95 1.93 0.69
C2 CPN A 4 -2.24 1.45 0.40
N3 CPN A 4 -2.78 0.45 1.16
C4 CPN A 4 -2.06 -0.13 2.14
C5 CPN A 4 -0.70 0.28 2.41
C6 CPN A 4 -0.20 1.29 1.66
O2 CPN A 4 -2.90 1.91 -0.54
N4 CPN A 4 -2.59 -1.16 2.79
H2 CPN A 4 1.07 3.07 -2.21
H8'1 CPN A 4 0.44 3.50 0.48
H8'2 CPN A 4 0.27 2.52 -0.92
H5'1 CPN A 4 -2.32 6.20 -1.82
H5'2 CPN A 4 -2.07 5.63 -3.43
H3'1 CPN A 4 -1.14 2.19 -2.51
H3'2 CPN A 4 -2.18 3.05 -3.62
H2'1 CPN A 4 -0.13 4.56 -4.20
H2'2 CPN A 4 -0.17 2.88 -4.78
H5 CPN A 4 -0.09 -0.17 3.16
H6 CPN A 4 0.81 1.60 1.81
HN41 CPN A 4 -2.05 -1.66 3.48
HN42 CPN A 4 -3.51 -1.51 2.52
C8' TPN A 5 -4.15 4.73 1.69
C7' TPN A 5 -5.43 5.57 1.90
O7' TPN A 5 -5.47 6.29 2.91
C5' TPN A 5 -7.51 6.59 1.08
C TPN A 5 -8.92 6.03 1.29
O TPN A 5 -9.77 6.16 0.41
N4' TPN A 5 -6.44 5.57 1.00
C3' TPN A 5 -6.58 4.60 -0.10
C2' TPN A 5 -6.13 5.11 -1.49
N TPN A 5 -4.68 5.19 -1.53
N1 TPN A 5 -3.84 3.77 2.79
C6 TPN A 5 -2.57 3.72 3.33
C2 TPN A 5 -4.83 2.86 3.21
O2 TPN A 5 -6.00 2.89 2.81
N3 TPN A 5 -4.45 1.92 4.16
C4 TPN A 5 -3.17 1.76 4.67
O4 TPN A 5 -2.94 0.80 5.42
C5 TPN A 5 -2.22 2.77 4.23
C5M TPN A 5 -0.81 2.83 4.78
H8'1 TPN A 5 -3.36 5.48 1.63
H8'2 TPN A 5 -4.12 4.17 0.76
H5'1 TPN A 5 -7.50 7.18 0.16
H5'2 TPN A 5 -7.34 7.30 1.90
H3'1 TPN A 5 -6.05 3.67 0.12
H3'2 TPN A 5 -7.63 4.32 -0.21
H2'1 TPN A 5 -6.56 6.09 -1.70
H2'2 TPN A 5 -6.49 4.41 -2.24
H TPN A 5 -4.25 5.44 -0.66
H6 TPN A 5 -1.80 4.42 3.06
HN3 TPN A 5 -5.19 1.29 4.46
HM51 TPN A 5 -0.11 2.90 3.95
HM52 TPN A 5 -0.58 1.95 5.37
HM53 TPN A 5 -0.71 3.74 5.38
C8' CPN A 6 -7.53 4.41 5.38
C7' CPN A 6 -8.74 5.22 5.90
O7' CPN A 6 -8.54 6.08 6.76
C5' CPN A 6 -11.16 5.60 6.03
C CPN A 6 -12.15 4.56 6.60
O CPN A 6 -13.28 4.53 6.08
OXT CPN A 6 -11.73 3.74 7.45
N4' CPN A 6 -9.98 4.98 5.40
C3' CPN A 6 -10.27 4.13 4.22
C2' CPN A 6 -10.44 4.94 2.92
N CPN A 6 -9.15 5.44 2.47
N1 CPN A 6 -6.43 4.20 6.36
C2 CPN A 6 -6.68 3.38 7.47
N3 CPN A 6 -5.64 2.91 8.21
C4 CPN A 6 -4.37 3.29 7.94
C5 CPN A 6 -4.08 4.21 6.85
C6 CPN A 6 -5.14 4.61 6.08
O2 CPN A 6 -7.83 3.05 7.76
N4 CPN A 6 -3.40 2.65 8.57
H8'1 CPN A 6 -7.18 4.83 4.44
H8'2 CPN A 6 -7.83 3.40 5.17
H5'1 CPN A 6 -10.91 6.27 6.85
H5'2 CPN A 6 -11.68 6.21 5.28
H3'1 CPN A 6 -11.21 3.59 4.38
H3'2 CPN A 6 -9.53 3.36 4.04
H2'1 CPN A 6 -11.14 5.76 3.05
H2'2 CPN A 6 -10.83 4.26 2.15
H CPN A 6 -8.38 5.36 3.12
H5 CPN A 6 -3.10 4.51 6.58
H6 CPN A 6 -4.94 5.20 5.20
HN41 CPN A 6 -2.43 2.81 8.33
HN42 CPN A 6 -3.67 1.88 9.17
C8' GPN A 1 4.31 -9.48 -1.42
C7' GPN A 1 5.34 -8.45 -0.90
O7' GPN A 1 4.97 -7.32 -0.61
C5' GPN A 1 7.69 -7.83 -0.51
C GPN A 1 8.07 -7.07 -1.79
O GPN A 1 9.01 -7.46 -2.48
N4' GPN A 1 6.64 -8.83 -0.78
C3' GPN A 1 7.14 -10.22 -0.97
C2' GPN A 1 7.54 -10.88 0.36
N GPN A 1 6.38 -11.13 1.23
N9 GPN A 1 2.93 -8.96 -1.67
C8 GPN A 1 1.77 -9.42 -1.10
N7 GPN A 1 0.68 -8.99 -1.66
C5 GPN A 1 1.13 -8.19 -2.70
C6 GPN A 1 0.40 -7.48 -3.73
O6 GPN A 1 -0.81 -7.48 -3.93
N1 GPN A 1 1.21 -6.70 -4.56
C2 GPN A 1 2.59 -6.67 -4.44
N2 GPN A 1 3.23 -5.84 -5.26
N3 GPN A 1 3.29 -7.38 -3.53
C4 GPN A 1 2.51 -8.12 -2.68
H2 GPN A 1 6.65 -11.71 2.01
H8'1 GPN A 1 4.24 -10.30 -0.69
H8'2 GPN A 1 4.64 -9.89 -2.37
H5'1 GPN A 1 7.36 -7.14 0.27
H5'2 GPN A 1 8.59 -8.30 -0.12
H3'1 GPN A 1 8.02 -10.18 -1.61
H3'2 GPN A 1 6.41 -10.87 -1.45
H2'1 GPN A 1 8.28 -10.30 0.91
H2'2 GPN A 1 7.99 -11.85 0.13
H GPN A 1 5.68 -11.61 0.68
H3 GPN A 1 6.02 -10.26 1.58
H8 GPN A 1 1.77 -10.11 -0.26
HN1 GPN A 1 0.76 -6.13 -5.25
HN21 GPN A 1 4.23 -5.77 -5.22
HN22 GPN A 1 2.69 -5.24 -5.87
C8' APN A 2 5.40 -3.39 -0.72
C7' APN A 2 5.95 -2.46 -1.81
O7' APN A 2 6.11 -1.27 -1.53
C5' APN A 2 6.78 -2.05 -4.09
C APN A 2 5.65 -1.22 -4.73
O APN A 2 4.90 -1.74 -5.57
N4' APN A 2 6.27 -2.95 -3.03
C3' APN A 2 6.08 -4.35 -3.47
C2' APN A 2 7.34 -5.23 -3.33
N APN A 2 7.32 -6.00 -2.09
N9 APN A 2 3.98 -3.81 -0.85
C8 APN A 2 3.35 -4.70 -0.01
N7 APN A 2 2.13 -5.00 -0.35
C5 APN A 2 1.90 -4.21 -1.48
C6 APN A 2 0.77 -4.01 -2.33
N6 APN A 2 -0.39 -4.67 -2.17
N1 APN A 2 0.83 -3.06 -3.29
C2 APN A 2 1.96 -2.36 -3.42
N3 APN A 2 3.11 -2.48 -2.74
C4 APN A 2 3.02 -3.45 -1.76
H8'1 APN A 2 5.44 -2.94 0.26
H8'2 APN A 2 6.01 -4.28 -0.66
H5'1 APN A 2 7.28 -2.61 -4.87
H5'2 APN A 2 7.54 -1.40 -3.67
H3'1 APN A 2 5.22 -4.82 -2.98
H3'2 APN A 2 5.81 -4.34 -4.53
H2'1 APN A 2 7.36 -5.94 -4.16
H2'2 APN A 2 8.26 -4.63 -3.38
H APN A 2 6.56 -5.79 -1.45
H8 APN A 2 3.88 -5.09 0.84
HN61 APN A 2 -0.47 -5.31 -1.39
HN62 APN A 2 -1.17 -4.49 -2.78
H21 APN A 2 1.93 -1.56 -4.15
C8' APN A 3 3.23 1.13 -1.42
C7' APN A 3 2.65 2.31 -2.22
O7' APN A 3 1.75 2.96 -1.72
C5' APN A 3 2.31 3.40 -4.40
C APN A 3 2.03 4.85 -3.97
O APN A 3 2.89 5.71 -4.14
N4' APN A 3 3.14 2.63 -3.45
C3' APN A 3 4.48 2.25 -3.91
C2' APN A 3 4.49 0.98 -4.80
N APN A 3 5.52 0.05 -4.33
N9 APN A 3 2.23 0.20 -0.83
C8 APN A 3 2.47 -0.71 0.17
N7 APN A 3 1.45 -1.44 0.51
C5 APN A 3 0.45 -1.03 -0.36
C6 APN A 3 -0.90 -1.46 -0.60
N6 APN A 3 -1.53 -2.42 0.08
N1 APN A 3 -1.65 -0.79 -1.50
C2 APN A 3 -1.10 0.22 -2.19
N3 APN A 3 0.16 0.67 -2.10
C4 APN A 3 0.90 0.01 -1.16
H8'1 APN A 3 3.81 1.56 -0.60
H8'2 APN A 3 3.92 0.50 -1.98
H5'1 APN A 3 2.79 3.44 -5.39
H5'2 APN A 3 1.37 2.86 -4.55
H3'1 APN A 3 5.15 2.16 -3.04
H3'2 APN A 3 4.90 3.07 -4.49
H2'1 APN A 3 3.52 0.48 -4.82
H2'2 APN A 3 4.73 1.27 -5.83
H APN A 3 6.12 0.36 -3.59
H8 APN A 3 3.46 -0.80 0.61
HN61 APN A 3 -1.05 -2.93 0.81
HN62 APN A 3 -2.50 -2.66 -0.16
H21 APN A 3 -1.74 0.74 -2.87
C8' CPN A 4 -0.93 4.32 -0.83
C7' CPN A 4 -1.48 5.72 -0.48
O7' CPN A 4 -1.77 5.96 0.69
C5' CPN A 4 -1.99 8.04 -1.09
C CPN A 4 -3.43 8.36 -1.48
O CPN A 4 -3.66 9.11 -2.44
N4' CPN A 4 -1.56 6.67 -1.44
C3' CPN A 4 -1.20 6.47 -2.86
C2' CPN A 4 0.34 6.45 -3.09
N CPN A 4 0.82 5.12 -3.45
N1 CPN A 4 -1.31 3.22 0.12
C2 CPN A 4 -2.63 2.72 0.12
N3 CPN A 4 -2.91 1.59 0.82
C4 CPN A 4 -1.97 0.98 1.58
C5 CPN A 4 -0.62 1.50 1.62
C6 CPN A 4 -0.35 2.62 0.89
O2 CPN A 4 -3.53 3.31 -0.48
N4 CPN A 4 -2.28 -0.05 2.34
H2 CPN A 4 0.18 4.35 -3.30
H8'1 CPN A 4 0.14 4.46 -0.83
H8'2 CPN A 4 -1.23 3.99 -1.81
H5'1 CPN A 4 -1.33 8.76 -1.58
H5'2 CPN A 4 -1.90 8.24 -0.01
H3'1 CPN A 4 -1.60 7.29 -3.45
H3'2 CPN A 4 -1.70 5.58 -3.26
H2'1 CPN A 4 0.56 7.13 -3.92
H2'2 CPN A 4 0.88 6.81 -2.22
H5 CPN A 4 0.17 1.07 2.19
H6 CPN A 4 0.64 3.05 0.95
HN41 CPN A 4 -1.57 -0.44 2.95
HN42 CPN A 4 -3.23 -0.42 2.38
C8' TPN A 5 -5.24 5.33 1.81
C7' TPN A 5 -5.59 6.75 2.32
O7' TPN A 5 -5.17 7.12 3.41
C5' TPN A 5 -6.91 8.82 2.09
C TPN A 5 -7.86 8.55 3.28
O TPN A 5 -9.00 8.12 3.09
N4' TPN A 5 -6.35 7.56 1.54
C3' TPN A 5 -6.65 7.29 0.12
C2' TPN A 5 -5.81 8.16 -0.84
N TPN A 5 -4.40 7.83 -0.74
N1 TPN A 5 -4.73 4.38 2.83
C6 TPN A 5 -3.37 4.37 3.12
C2 TPN A 5 -5.58 3.43 3.41
O2 TPN A 5 -6.81 3.49 3.31
N3 TPN A 5 -4.98 2.39 4.13
C4 TPN A 5 -3.61 2.25 4.34
O4 TPN A 5 -3.18 1.26 4.92
C5 TPN A 5 -2.80 3.37 3.83
C5M TPN A 5 -1.32 3.49 4.11
H8'1 TPN A 5 -4.50 5.44 1.01
H8'2 TPN A 5 -6.11 4.86 1.36
H5'1 TPN A 5 -6.09 9.47 2.39
H5'2 TPN A 5 -7.48 9.36 1.34
H3'1 TPN A 5 -6.49 6.26 -0.18
H3'2 TPN A 5 -7.70 7.51 -0.06
H2'1 TPN A 5 -5.96 9.22 -0.62
H2'2 TPN A 5 -6.14 7.97 -1.86
H TPN A 5 -4.14 7.20 0.02
H6 TPN A 5 -2.73 5.14 2.74
HN3 TPN A 5 -5.61 1.73 4.57
HM51 TPN A 5 -1.20 4.12 4.99
HM52 TPN A 5 -0.89 2.51 4.29
HM53 TPN A 5 -0.82 3.97 3.27
C8' CPN A 6 -7.56 4.27 7.08
C7' CPN A 6 -7.95 5.40 8.04
O7' CPN A 6 -8.24 5.10 9.20
C5' CPN A 6 -8.20 7.79 8.57
C CPN A 6 -6.94 8.55 8.97
O CPN A 6 -5.85 8.30 8.39
OXT CPN A 6 -7.10 9.52 9.75
N4' CPN A 6 -7.97 6.69 7.61
C3' CPN A 6 -7.58 7.05 6.23
C2' CPN A 6 -8.03 8.45 5.78
N CPN A 6 -7.38 8.79 4.51
N1 CPN A 6 -6.44 3.44 7.58
C2 CPN A 6 -6.66 2.15 8.11
N3 CPN A 6 -5.59 1.29 8.26
C4 CPN A 6 -4.35 1.69 7.90
C5 CPN A 6 -4.10 3.02 7.41
C6 CPN A 6 -5.16 3.86 7.27
O2 CPN A 6 -7.79 1.76 8.44
N4 CPN A 6 -3.36 0.81 8.00
H8'1 CPN A 6 -7.27 4.59 6.08
H8'2 CPN A 6 -8.41 3.68 6.91
H5'1 CPN A 6 -8.65 7.42 9.51
H5'2 CPN A 6 -8.94 8.48 8.18
H3'1 CPN A 6 -8.04 6.39 5.51
H3'2 CPN A 6 -6.51 6.98 6.15
H2'1 CPN A 6 -7.71 9.21 6.48
H2'2 CPN A 6 -9.12 8.45 5.69
H CPN A 6 -6.42 9.11 4.59
H5 CPN A 6 -3.16 3.38 7.06
H6 CPN A 6 -5.01 4.85 6.88
HN41 CPN A 6 -2.41 1.09 7.81
HN42 CPN A 6 -3.57 -0.15 8.28
C8' GPN A 1 5.85 -10.13 -5.36
C7' GPN A 1 7.15 -9.35 -5.21
O7' GPN A 1 7.59 -8.76 -6.20
C5' GPN A 1 9.10 -8.67 -3.86
C GPN A 1 9.08 -7.16 -4.17
O GPN A 1 9.26 -6.76 -5.32
N4' GPN A 1 7.81 -9.37 -4.03
C3' GPN A 1 7.29 -10.12 -2.87
C2' GPN A 1 8.25 -11.24 -2.43
N GPN A 1 7.68 -12.05 -1.34
N9 GPN A 1 4.62 -9.52 -4.77
C8 GPN A 1 3.68 -10.15 -4.00
N7 GPN A 1 2.58 -9.48 -3.83
C5 GPN A 1 2.80 -8.29 -4.52
C6 GPN A 1 1.91 -7.18 -4.77
O6 GPN A 1 0.75 -7.06 -4.43
N1 GPN A 1 2.51 -6.16 -5.52
C2 GPN A 1 3.82 -6.20 -5.96
N2 GPN A 1 4.24 -5.12 -6.63
N3 GPN A 1 4.65 -7.26 -5.78
C4 GPN A 1 4.08 -8.29 -5.06
H2 GPN A 1 6.83 -12.50 -1.67
H8'1 GPN A 1 5.94 -11.17 -5.03
H8'2 GPN A 1 5.67 -10.21 -6.40
H5'1 GPN A 1 9.49 -8.79 -2.85
H5'2 GPN A 1 9.82 -9.13 -4.53
H3'1 GPN A 1 6.33 -10.59 -3.07
H3'2 GPN A 1 7.11 -9.38 -2.09
H2'1 GPN A 1 9.19 -10.83 -2.07
H2'2 GPN A 1 8.46 -11.90 -3.28
H GPN A 1 7.45 -11.45 -0.56
H3 GPN A 1 8.34 -12.76 -1.06
H8 GPN A 1 3.82 -11.15 -3.62
HN1 GPN A 1 1.93 -5.38 -5.78
HN21 GPN A 1 5.19 -5.09 -6.96
HN22 GPN A 1 3.62 -4.35 -6.77
C8' APN A 2 5.64 -4.82 -2.03
C7' APN A 2 6.19 -3.37 -2.02
O7' APN A 2 5.39 -2.43 -1.98
C5' APN A 2 8.06 -1.85 -2.58
C APN A 2 7.56 -0.61 -1.81
O APN A 2 7.98 -0.40 -0.67
N4' APN A 2 7.52 -3.14 -2.11
C3' APN A 2 8.53 -4.20 -1.93
C2' APN A 2 8.91 -4.86 -3.27
N APN A 2 8.88 -6.32 -3.14
N9 APN A 2 4.18 -5.00 -1.77
C8 APN A 2 3.60 -5.88 -0.88
N7 APN A 2 2.30 -5.93 -0.93
C5 APN A 2 1.96 -5.02 -1.92
C6 APN A 2 0.71 -4.56 -2.47
N6 APN A 2 -0.49 -4.99 -2.06
N1 APN A 2 0.72 -3.65 -3.46
C2 APN A 2 1.90 -3.21 -3.91
N3 APN A 2 3.13 -3.54 -3.49
C4 APN A 2 3.11 -4.46 -2.46
H8'1 APN A 2 6.16 -5.41 -1.26
H8'2 APN A 2 5.84 -5.27 -2.99
H5'1 APN A 2 7.81 -1.76 -3.65
H5'2 APN A 2 9.14 -1.82 -2.54
H3'1 APN A 2 9.44 -3.76 -1.49
H3'2 APN A 2 8.21 -4.91 -1.18
H2'1 APN A 2 9.93 -4.57 -3.54
H2'2 APN A 2 8.26 -4.57 -4.09
H APN A 2 8.77 -6.72 -2.22
H8 APN A 2 4.18 -6.49 -0.21
HN61 APN A 2 -0.55 -5.67 -1.31
HN62 APN A 2 -1.32 -4.65 -2.52
H21 APN A 2 1.84 -2.49 -4.72
C8' APN A 3 3.17 0.14 -1.61
C7' APN A 3 3.12 1.64 -1.29
O7' APN A 3 2.35 2.04 -0.41
C5' APN A 3 3.74 3.95 -1.89
C APN A 3 2.76 4.45 -2.96
O APN A 3 3.17 5.00 -3.98
N4' APN A 3 3.92 2.49 -1.97
C3' APN A 3 5.04 2.01 -2.81
C2' APN A 3 6.20 1.48 -1.93
N APN A 3 6.72 0.22 -2.46
N9 APN A 3 2.15 -0.71 -0.96
C8 APN A 3 2.34 -1.79 -0.14
N7 APN A 3 1.26 -2.41 0.23
C5 APN A 3 0.24 -1.70 -0.41
C6 APN A 3 -1.19 -1.86 -0.48
N6 APN A 3 -1.90 -2.81 0.14
N1 APN A 3 -1.89 -0.98 -1.24
C2 APN A 3 -1.24 0.01 -1.86
N3 APN A 3 0.08 0.27 -1.86
C4 APN A 3 0.78 -0.65 -1.12
H8'1 APN A 3 4.15 -0.24 -1.33
H8'2 APN A 3 3.05 0.00 -2.68
H5'1 APN A 3 3.37 4.24 -0.90
H5'2 APN A 3 4.69 4.45 -2.02
H3'1 APN A 3 5.42 2.81 -3.44
H3'2 APN A 3 4.67 1.25 -3.51
H2'1 APN A 3 7.00 2.21 -1.92
H2'2 APN A 3 5.90 1.31 -0.90
H APN A 3 6.39 -0.07 -3.37
H8 APN A 3 3.33 -2.10 0.13
HN61 APN A 3 -1.39 -3.51 0.68
HN62 APN A 3 -2.90 -2.87 0.04
H21 APN A 3 -1.85 0.70 -2.42
C8' CPN A 4 -0.31 3.55 -0.15
C7' CPN A 4 -1.25 4.70 -0.59
O7' CPN A 4 -1.69 5.42 0.30
C5' CPN A 4 -2.48 5.93 -2.41
C CPN A 4 -2.80 7.15 -1.52
O CPN A 4 -2.09 8.15 -1.54
N4' CPN A 4 -1.53 4.90 -1.92
C3' CPN A 4 -0.99 4.07 -3.00
C2' CPN A 4 0.34 4.61 -3.58
N CPN A 4 1.46 4.24 -2.72
N1 CPN A 4 -0.87 2.44 0.69
C2 CPN A 4 -2.19 1.97 0.51
N3 CPN A 4 -2.61 0.90 1.27
C4 CPN A 4 -1.80 0.31 2.17
C5 CPN A 4 -0.44 0.74 2.33
C6 CPN A 4 -0.02 1.80 1.57
O2 CPN A 4 -2.96 2.49 -0.30
N4 CPN A 4 -2.24 -0.75 2.83
H2 CPN A 4 1.23 3.72 -1.89
H8'1 CPN A 4 0.48 4.06 0.42
H8'2 CPN A 4 0.20 3.06 -0.95
H5'1 CPN A 4 -3.40 5.41 -2.68
H5'2 CPN A 4 -2.09 6.34 -3.34
H3'1 CPN A 4 -0.90 3.01 -2.73
H3'2 CPN A 4 -1.70 4.06 -3.83
H2'1 CPN A 4 0.51 4.17 -4.56
H2'2 CPN A 4 0.30 5.69 -3.70
H5 CPN A 4 0.25 0.29 3.01
H6 CPN A 4 1.00 2.11 1.66
HN41 CPN A 4 -1.62 -1.25 3.45
HN42 CPN A 4 -3.15 -1.13 2.63
C8' TPN A 5 -4.64 5.30 2.04
C7' TPN A 5 -5.31 6.43 2.84
O7' TPN A 5 -5.38 6.35 4.07
C5' TPN A 5 -6.35 8.64 2.95
C TPN A 5 -7.86 8.49 3.19
O TPN A 5 -8.66 8.96 2.38
N4' TPN A 5 -5.79 7.52 2.18
C3' TPN A 5 -5.81 7.65 0.71
C2' TPN A 5 -4.45 8.08 0.10
N TPN A 5 -3.93 7.05 -0.79
N1 TPN A 5 -4.19 4.16 2.89
C6 TPN A 5 -2.86 4.07 3.30
C2 TPN A 5 -5.15 3.27 3.36
O2 TPN A 5 -6.35 3.32 3.06
N3 TPN A 5 -4.71 2.28 4.24
C4 TPN A 5 -3.40 2.09 4.65
O4 TPN A 5 -3.11 1.15 5.38
C5 TPN A 5 -2.45 3.10 4.14
C5M TPN A 5 -1.00 3.14 4.58
H8'1 TPN A 5 -3.76 5.74 1.55
H8'2 TPN A 5 -5.28 4.92 1.26
H5'1 TPN A 5 -6.18 9.58 2.41
H5'2 TPN A 5 -5.84 8.75 3.91
H3'1 TPN A 5 -6.20 6.72 0.27
H3'2 TPN A 5 -6.55 8.40 0.45
H2'1 TPN A 5 -4.61 8.99 -0.48
H2'2 TPN A 5 -3.72 8.30 0.88
H TPN A 5 -4.45 6.18 -0.85
H6 TPN A 5 -2.12 4.78 2.97
HN3 TPN A 5 -5.45 1.70 4.62
HM51 TPN A 5 -0.67 2.15 4.88
HM52 TPN A 5 -0.91 3.84 5.41
HM53 TPN A 5 -0.38 3.49 3.75
C8' CPN A 6 -7.50 4.92 6.49
C7' CPN A 6 -8.07 5.99 7.44
O7' CPN A 6 -7.56 6.14 8.55
C5' CPN A 6 -9.74 7.71 7.96
C CPN A 6 -10.92 7.08 8.72
O CPN A 6 -12.06 7.38 8.32
OXT CPN A 6 -10.66 6.35 9.70
N4' CPN A 6 -9.12 6.75 7.03
C3' CPN A 6 -9.80 6.59 5.73
C2' CPN A 6 -9.62 7.78 4.76
N CPN A 6 -8.24 7.86 4.30
N1 CPN A 6 -6.42 4.09 7.09
C2 CPN A 6 -6.76 2.92 7.83
N3 CPN A 6 -5.74 2.15 8.32
C4 CPN A 6 -4.46 2.49 8.12
C5 CPN A 6 -4.10 3.70 7.39
C6 CPN A 6 -5.11 4.45 6.91
O2 CPN A 6 -7.92 2.59 8.00
N4 CPN A 6 -3.52 1.61 8.47
H8'1 CPN A 6 -7.14 5.41 5.59
H8'2 CPN A 6 -8.27 4.23 6.19
H5'1 CPN A 6 -10.10 8.59 7.41
H5'2 CPN A 6 -9.02 8.09 8.69
H3'1 CPN A 6 -9.49 5.69 5.19
H3'2 CPN A 6 -10.87 6.49 5.92
H2'1 CPN A 6 -9.90 8.73 5.23
H2'2 CPN A 6 -10.28 7.62 3.91
H CPN A 6 -7.55 7.42 4.89
H5 CPN A 6 -3.11 3.98 7.14
H6 CPN A 6 -4.89 5.34 6.33
HN41 CPN A 6 -2.55 1.81 8.29
HN42 CPN A 6 -3.82 0.69 8.76
C8' GPN A 1 6.61 -9.31 -3.95
C7' GPN A 1 7.17 -8.23 -2.99
O7' GPN A 1 6.39 -7.49 -2.40
C5' GPN A 1 9.07 -7.01 -2.03
C GPN A 1 9.46 -5.84 -2.95
O GPN A 1 10.58 -5.82 -3.47
N4' GPN A 1 8.51 -8.14 -2.79
C3' GPN A 1 9.50 -9.08 -3.36
C2' GPN A 1 10.11 -10.01 -2.29
N GPN A 1 9.11 -10.88 -1.66
N9 GPN A 1 5.14 -9.19 -4.17
C8 GPN A 1 4.16 -10.05 -3.75
N7 GPN A 1 2.95 -9.66 -4.02
C5 GPN A 1 3.12 -8.45 -4.69
C6 GPN A 1 2.16 -7.53 -5.24
O6 GPN A 1 0.93 -7.63 -5.25
N1 GPN A 1 2.73 -6.40 -5.83
C2 GPN A 1 4.11 -6.21 -5.92
N2 GPN A 1 4.50 -5.06 -6.48
N3 GPN A 1 5.02 -7.06 -5.41
C4 GPN A 1 4.47 -8.16 -4.81
H2 GPN A 1 8.52 -10.35 -1.04
H8'1 GPN A 1 6.81 -10.30 -3.53
H8'2 GPN A 1 7.06 -9.24 -4.91
H5'1 GPN A 1 8.37 -6.65 -1.26
H5'2 GPN A 1 9.97 -7.31 -1.49
H3'1 GPN A 1 10.31 -8.52 -3.82
H3'2 GPN A 1 9.09 -9.72 -4.13
H2'1 GPN A 1 10.86 -10.66 -2.79
H2'2 GPN A 1 10.64 -9.45 -1.52
H GPN A 1 8.54 -11.28 -2.41
H3 GPN A 1 9.57 -11.61 -1.14
H8 GPN A 1 4.39 -10.96 -3.22
HN1 GPN A 1 2.10 -5.70 -6.21
HN21 GPN A 1 5.49 -4.87 -6.59
HN22 GPN A 1 3.81 -4.38 -6.76
C8' APN A 2 5.62 -4.55 -2.40
C7' APN A 2 5.94 -3.06 -2.19
O7' APN A 2 5.44 -2.50 -1.21
C5' APN A 2 7.17 -1.00 -2.74
C APN A 2 6.49 0.00 -3.67
O APN A 2 7.11 0.52 -4.60
N4' APN A 2 6.79 -2.40 -3.01
C3' APN A 2 7.42 -2.97 -4.23
C2' APN A 2 8.75 -3.69 -3.98
N APN A 2 8.55 -4.88 -3.16
N9 APN A 2 4.22 -4.97 -2.14
C8 APN A 2 3.80 -6.06 -1.42
N7 APN A 2 2.54 -6.35 -1.55
C5 APN A 2 2.07 -5.37 -2.41
C6 APN A 2 0.78 -5.09 -2.95
N6 APN A 2 -0.32 -5.82 -2.71
N1 APN A 2 0.63 -3.99 -3.73
C2 APN A 2 1.69 -3.22 -3.97
N3 APN A 2 2.95 -3.38 -3.56
C4 APN A 2 3.08 -4.50 -2.75
H8'1 APN A 2 6.25 -5.09 -1.69
H8'2 APN A 2 5.85 -4.92 -3.38
H5'1 APN A 2 6.95 -0.71 -1.70
H5'2 APN A 2 8.25 -0.90 -2.86
H3'1 APN A 2 6.74 -3.63 -4.76
H3'2 APN A 2 7.64 -2.17 -4.93
H2'1 APN A 2 9.45 -3.02 -3.48
H2'2 APN A 2 9.17 -3.99 -4.94
H APN A 2 7.64 -4.97 -2.75
H8 APN A 2 4.48 -6.65 -0.82
HN61 APN A 2 -0.24 -6.68 -2.19
HN62 APN A 2 -1.22 -5.46 -3.01
H21 APN A 2 1.52 -2.36 -4.61
C8' APN A 3 2.91 -0.48 -1.11
C7' APN A 3 2.68 1.03 -1.07
O7' APN A 3 2.31 1.50 0.01
C5' APN A 3 3.29 3.25 -2.10
C APN A 3 2.93 4.02 -0.82
O APN A 3 3.67 3.97 0.15
N4' APN A 3 2.94 1.80 -2.15
C3' APN A 3 2.94 1.26 -3.53
C2' APN A 3 4.35 1.18 -4.16
N APN A 3 5.20 0.28 -3.41
N9 APN A 3 1.75 -1.35 -0.76
C8 APN A 3 1.81 -2.57 -0.12
N7 APN A 3 0.68 -3.21 -0.03
C5 APN A 3 -0.22 -2.36 -0.65
C6 APN A 3 -1.62 -2.44 -0.91
N6 APN A 3 -2.37 -3.52 -0.64
N1 APN A 3 -2.24 -1.40 -1.51
C2 APN A 3 -1.52 -0.32 -1.84
N3 APN A 3 -0.20 -0.13 -1.68
C4 APN A 3 0.41 -1.20 -1.08
H8'1 APN A 3 3.67 -0.67 -0.36
H8'2 APN A 3 3.32 -0.86 -2.04
H5'1 APN A 3 2.86 3.78 -2.96
H5'2 APN A 3 4.37 3.32 -2.21
H3'1 APN A 3 2.35 1.90 -4.16
H3'2 APN A 3 2.47 0.28 -3.59
H2'1 APN A 3 4.26 0.79 -5.18
H2'2 APN A 3 4.80 2.17 -4.22
H APN A 3 4.76 -0.21 -2.65
H8 APN A 3 2.73 -2.97 0.25
HN61 APN A 3 -1.96 -4.32 -0.18
HN62 APN A 3 -3.36 -3.52 -0.89
H21 APN A 3 -2.09 0.46 -2.29
C8' CPN A 4 -0.77 2.98 0.48
C7' CPN A 4 -1.44 3.76 -0.66
O7' CPN A 4 -2.13 3.14 -1.46
C5' CPN A 4 -1.81 5.83 -1.90
C CPN A 4 -2.77 6.93 -1.44
O CPN A 4 -2.46 8.11 -1.51
N4' CPN A 4 -1.17 5.08 -0.81
C3' CPN A 4 -0.20 5.92 -0.02
C2' CPN A 4 1.20 5.37 0.32
N CPN A 4 1.78 4.71 -0.84
N1 CPN A 4 -1.32 1.70 1.03
C2 CPN A 4 -2.70 1.39 1.00
N3 CPN A 4 -3.13 0.24 1.61
C4 CPN A 4 -2.27 -0.54 2.30
C5 CPN A 4 -0.89 -0.16 2.46
C6 CPN A 4 -0.46 0.94 1.80
O2 CPN A 4 -3.51 2.14 0.48
N4 CPN A 4 -2.72 -1.67 2.83
H2 CPN A 4 1.22 4.75 -1.67
H8'1 CPN A 4 -0.55 3.59 1.34
H8'2 CPN A 4 0.16 2.72 -0.02
H5'1 CPN A 4 -2.38 5.18 -2.58
H5'2 CPN A 4 -1.03 6.30 -2.52
H3'1 CPN A 4 -0.68 6.14 0.92
H3'2 CPN A 4 -0.01 6.83 -0.58
H2'1 CPN A 4 1.22 4.75 1.22
H2'2 CPN A 4 1.82 6.24 0.56
H5 CPN A 4 -0.20 -0.68 3.09
H6 CPN A 4 0.56 1.27 1.92
HN41 CPN A 4 -2.09 -2.28 3.32
HN42 CPN A 4 -3.68 -1.95 2.69
C8' TPN A 5 -3.84 5.05 1.86
C7' TPN A 5 -4.29 6.39 2.46
O7' TPN A 5 -3.76 6.74 3.52
C5' TPN A 5 -5.62 8.45 2.46
C TPN A 5 -7.14 8.63 2.59
O TPN A 5 -7.73 9.43 1.86
N4' TPN A 5 -5.22 7.17 1.84
C3' TPN A 5 -5.89 6.87 0.55
C2' TPN A 5 -5.11 7.36 -0.68
N TPN A 5 -3.97 6.52 -0.99
N1 TPN A 5 -3.80 3.98 2.89
C6 TPN A 5 -2.60 3.62 3.46
C2 TPN A 5 -5.00 3.35 3.26
O2 TPN A 5 -6.11 3.74 2.89
N3 TPN A 5 -4.90 2.25 4.11
C4 TPN A 5 -3.69 1.76 4.64
O4 TPN A 5 -3.68 0.74 5.30
C5 TPN A 5 -2.52 2.57 4.32
C5M TPN A 5 -1.16 2.28 4.91
H8'1 TPN A 5 -2.84 5.23 1.46
H8'2 TPN A 5 -4.43 4.69 1.03
H5'1 TPN A 5 -5.22 8.59 3.46
H5'2 TPN A 5 -5.23 9.27 1.84
H3'1 TPN A 5 -6.11 5.80 0.44
H3'2 TPN A 5 -6.87 7.33 0.48
H2'1 TPN A 5 -5.79 7.33 -1.54
H2'2 TPN A 5 -4.82 8.40 -0.54
H TPN A 5 -4.12 5.53 -0.93
H6 TPN A 5 -1.70 4.14 3.26
HN3 TPN A 5 -5.75 1.75 4.34
HM51 TPN A 5 -0.38 2.45 4.17
HM52 TPN A 5 -1.10 1.24 5.24
HM53 TPN A 5 -0.99 2.96 5.74
C8' CPN A 6 -7.45 4.99 5.87
C7' CPN A 6 -8.05 6.17 6.66
O7' CPN A 6 -7.68 6.34 7.83
C5' CPN A 6 -9.52 8.12 6.84
C CPN A 6 -8.50 9.24 7.05
O CPN A 6 -8.02 9.78 6.03
OXT CPN A 6 -8.03 9.37 8.20
N4' CPN A 6 -8.98 6.97 6.08
C3' CPN A 6 -9.55 6.76 4.75
C2' CPN A 6 -9.18 7.86 3.74
N CPN A 6 -7.75 7.88 3.50
N1 CPN A 6 -6.45 4.20 6.62
C2 CPN A 6 -6.88 3.15 7.46
N3 CPN A 6 -5.93 2.33 8.03
C4 CPN A 6 -4.61 2.59 7.86
C5 CPN A 6 -4.17 3.72 7.08
C6 CPN A 6 -5.11 4.48 6.47
O2 CPN A 6 -8.06 2.96 7.67
N4 CPN A 6 -3.75 1.71 8.36
H8'1 CPN A 6 -7.03 5.34 4.93
H8'2 CPN A 6 -8.24 4.31 5.61
H5'1 CPN A 6 -10.38 8.56 6.32
H5'2 CPN A 6 -9.89 7.77 7.81
H3'1 CPN A 6 -10.63 6.74 4.83
H3'2 CPN A 6 -9.25 5.80 4.30
H2'1 CPN A 6 -9.52 8.84 4.08
H2'2 CPN A 6 -9.70 7.64 2.80
H CPN A 6 -7.19 7.26 4.06
H5 CPN A 6 -3.14 3.98 6.91
H6 CPN A 6 -4.82 5.29 5.83
HN41 CPN A 6 -2.77 1.82 8.19
HN42 CPN A 6 -4.11 0.90 8.84
C8' GPN A 1 6.31 -9.58 -3.53
C7' GPN A 1 7.27 -8.46 -3.07
O7' GPN A 1 6.81 -7.48 -2.49
C5' GPN A 1 9.49 -7.42 -3.08
C GPN A 1 9.36 -6.36 -4.18
O GPN A 1 9.99 -6.50 -5.23
N4' GPN A 1 8.60 -8.58 -3.32
C3' GPN A 1 9.25 -9.78 -3.88
C2' GPN A 1 10.04 -10.55 -2.80
N GPN A 1 9.14 -11.25 -1.86
N9 GPN A 1 4.86 -9.30 -3.38
C8 GPN A 1 3.95 -10.00 -2.64
N7 GPN A 1 2.71 -9.61 -2.80
C5 GPN A 1 2.80 -8.56 -3.72
C6 GPN A 1 1.77 -7.74 -4.30
O6 GPN A 1 0.55 -7.81 -4.15
N1 GPN A 1 2.27 -6.75 -5.15
C2 GPN A 1 3.62 -6.61 -5.44
N2 GPN A 1 3.97 -5.58 -6.22
N3 GPN A 1 4.59 -7.41 -4.93
C4 GPN A 1 4.12 -8.36 -4.07
H2 GPN A 1 9.68 -11.80 -1.21
H8'1 GPN A 1 6.54 -10.49 -2.97
H8'2 GPN A 1 6.46 -9.80 -4.58
H5'1 GPN A 1 9.29 -7.00 -2.09
H5'2 GPN A 1 10.54 -7.74 -3.05
H3'1 GPN A 1 9.96 -9.47 -4.65
H3'2 GPN A 1 8.57 -10.47 -4.35
H2'1 GPN A 1 10.64 -11.31 -3.29
H2'2 GPN A 1 10.70 -9.90 -2.24
H GPN A 1 8.54 -11.84 -2.41
H3 GPN A 1 8.58 -10.57 -1.36
H8 GPN A 1 4.23 -10.82 -2.00
HN1 GPN A 1 1.61 -6.08 -5.53
HN21 GPN A 1 4.94 -5.44 -6.44
HN22 GPN A 1 3.26 -4.93 -6.53
C8' APN A 2 5.48 -4.40 -2.59
C7' APN A 2 5.74 -2.93 -2.96
O7' APN A 2 5.26 -2.02 -2.29
C5' APN A 2 5.89 -1.94 -5.19
C APN A 2 6.05 -0.42 -5.11
O APN A 2 6.97 0.13 -5.71
N4' APN A 2 6.47 -2.68 -4.06
C3' APN A 2 7.93 -2.93 -4.07
C2' APN A 2 8.36 -4.19 -4.85
N APN A 2 8.56 -5.31 -3.93
N9 APN A 2 4.05 -4.73 -2.24
C8 APN A 2 3.65 -5.70 -1.36
N7 APN A 2 2.35 -5.82 -1.24
C5 APN A 2 1.84 -4.87 -2.12
C6 APN A 2 0.51 -4.48 -2.49
N6 APN A 2 -0.61 -5.06 -2.03
N1 APN A 2 0.35 -3.47 -3.38
C2 APN A 2 1.44 -2.91 -3.91
N3 APN A 2 2.73 -3.19 -3.67
C4 APN A 2 2.88 -4.20 -2.74
H8'1 APN A 2 6.09 -4.64 -1.74
H8'2 APN A 2 5.78 -5.04 -3.40
H5'1 APN A 2 4.82 -2.18 -5.28
H5'2 APN A 2 6.35 -2.28 -6.12
H3'1 APN A 2 8.30 -2.95 -3.04
H3'2 APN A 2 8.39 -2.07 -4.55
H2'1 APN A 2 9.30 -3.97 -5.34
H2'2 APN A 2 7.63 -4.47 -5.61
H APN A 2 8.12 -5.26 -3.03
H8 APN A 2 4.36 -6.30 -0.81
HN61 APN A 2 -0.53 -5.84 -1.41
HN62 APN A 2 -1.51 -4.73 -2.35
H21 APN A 2 1.26 -2.13 -4.63
C8' APN A 3 3.03 0.15 -1.66
C7' APN A 3 2.89 1.68 -1.55
O7' APN A 3 1.96 2.14 -0.90
C5' APN A 3 3.59 3.94 -2.16
C APN A 3 2.66 4.41 -3.27
O APN A 3 3.11 4.63 -4.40
N4' APN A 3 3.80 2.48 -2.14
C3' APN A 3 5.09 2.00 -2.66
C2' APN A 3 5.08 1.68 -4.18
N APN A 3 5.15 0.25 -4.39
N9 APN A 3 1.92 -0.68 -1.12
C8 APN A 3 2.03 -1.73 -0.24
N7 APN A 3 0.91 -2.31 0.07
C5 APN A 3 -0.04 -1.62 -0.67
C6 APN A 3 -1.45 -1.77 -0.82
N6 APN A 3 -2.19 -2.70 -0.18
N1 APN A 3 -2.11 -0.91 -1.63
C2 APN A 3 -1.41 0.04 -2.27
N3 APN A 3 -0.10 0.29 -2.22
C4 APN A 3 0.56 -0.60 -1.40
H8'1 APN A 3 3.93 -0.13 -1.12
H8'2 APN A 3 3.16 -0.10 -2.68
H5'1 APN A 3 4.54 4.47 -2.29
H5'2 APN A 3 3.22 4.28 -1.19
H3'1 APN A 3 5.45 1.14 -2.08
H3'2 APN A 3 5.86 2.75 -2.51
H2'1 APN A 3 4.19 2.07 -4.66
H2'2 APN A 3 5.93 2.17 -4.64
H APN A 3 4.49 -0.31 -3.85
H8 APN A 3 2.98 -2.07 0.15
HN61 APN A 3 -1.71 -3.39 0.39
HN62 APN A 3 -3.19 -2.72 -0.30
H21 APN A 3 -2.02 0.68 -2.88
C8' CPN A 4 -0.68 3.59 -0.64
C7' CPN A 4 -1.66 4.70 -1.04
O7' CPN A 4 -2.38 5.15 -0.15
C5' CPN A 4 -2.44 6.40 -2.72
C CPN A 4 -2.80 7.41 -1.62
O CPN A 4 -2.00 8.26 -1.24
N4' CPN A 4 -1.67 5.20 -2.32
C3' CPN A 4 -1.05 4.51 -3.47
C2' CPN A 4 0.34 5.07 -3.87
N CPN A 4 1.36 4.57 -2.97
N1 CPN A 4 -1.19 2.46 0.23
C2 CPN A 4 -2.50 1.94 0.08
N3 CPN A 4 -2.91 0.91 0.88
C4 CPN A 4 -2.07 0.34 1.75
C5 CPN A 4 -0.72 0.82 1.90
C6 CPN A 4 -0.34 1.86 1.12
O2 CPN A 4 -3.28 2.41 -0.75
N4 CPN A 4 -2.50 -0.67 2.52
H2 CPN A 4 1.04 4.26 -2.07
H8'1 CPN A 4 0.09 4.11 -0.07
H8'2 CPN A 4 -0.17 3.13 -1.47
H5'1 CPN A 4 -1.87 6.96 -3.46
H5'2 CPN A 4 -3.35 6.05 -3.22
H3'1 CPN A 4 -1.00 3.43 -3.33
H3'2 CPN A 4 -1.68 4.66 -4.33
H2'1 CPN A 4 0.55 4.73 -4.89
H2'2 CPN A 4 0.34 6.16 -3.87
H5 CPN A 4 -0.01 0.40 2.59
H6 CPN A 4 0.66 2.24 1.21
HN41 CPN A 4 -1.85 -1.13 3.14
HN42 CPN A 4 -3.46 -0.98 2.47
C8' TPN A 5 -5.29 5.09 1.73
C7' TPN A 5 -6.07 6.19 2.46
O7' TPN A 5 -6.50 5.97 3.60
C5' TPN A 5 -6.86 8.57 2.48
C TPN A 5 -6.60 8.66 3.99
O TPN A 5 -5.46 8.86 4.40
N4' TPN A 5 -6.27 7.39 1.82
C3' TPN A 5 -5.99 7.55 0.39
C2' TPN A 5 -4.53 7.98 0.09
N TPN A 5 -4.03 7.28 -1.08
N1 TPN A 5 -4.73 4.05 2.65
C6 TPN A 5 -3.37 4.01 2.91
C2 TPN A 5 -5.61 3.17 3.28
O2 TPN A 5 -6.83 3.25 3.16
N3 TPN A 5 -5.04 2.17 4.07
C4 TPN A 5 -3.67 1.98 4.26
O4 TPN A 5 -3.29 1.02 4.92
C5 TPN A 5 -2.83 3.04 3.69
C5M TPN A 5 -1.38 3.19 4.07
H8'1 TPN A 5 -4.47 5.52 1.16
H8'2 TPN A 5 -5.94 4.60 1.02
H5'1 TPN A 5 -7.94 8.56 2.26
H5'2 TPN A 5 -6.46 9.47 2.03
H3'1 TPN A 5 -6.66 8.31 -0.04
H3'2 TPN A 5 -6.26 6.62 -0.13
H2'1 TPN A 5 -3.87 7.75 0.93
H2'2 TPN A 5 -4.50 9.05 -0.07
H TPN A 5 -4.60 6.52 -1.44
H6 TPN A 5 -2.68 4.72 2.50
HN3 TPN A 5 -5.71 1.61 4.57
HM51 TPN A 5 -1.32 3.93 4.88
HM52 TPN A 5 -0.96 2.24 4.40
HM53 TPN A 5 -0.80 3.57 3.23
C8' CPN A 6 -7.77 4.78 7.07
C7' CPN A 6 -8.14 5.68 8.28
O7' CPN A 6 -8.02 5.23 9.42
C5' CPN A 6 -8.91 7.81 9.23
C CPN A 6 -7.66 8.24 9.99
O CPN A 6 -6.87 9.01 9.40
OXT CPN A 6 -7.62 7.97 11.22
N4' CPN A 6 -8.62 6.93 8.08
C3' CPN A 6 -8.83 7.51 6.74
C2' CPN A 6 -7.56 8.22 6.24
N CPN A 6 -7.64 8.44 4.80
N1 CPN A 6 -6.65 3.83 7.35
C2 CPN A 6 -6.90 2.59 7.97
N3 CPN A 6 -5.87 1.72 8.16
C4 CPN A 6 -4.63 2.04 7.76
C5 CPN A 6 -4.34 3.30 7.13
C6 CPN A 6 -5.37 4.16 6.94
O2 CPN A 6 -8.04 2.27 8.32
N4 CPN A 6 -3.66 1.14 7.96
H8'1 CPN A 6 -7.50 5.36 6.20
H8'2 CPN A 6 -8.61 4.17 6.77
H5'1 CPN A 6 -9.60 7.29 9.90
H5'2 CPN A 6 -9.43 8.73 8.92
H3'1 CPN A 6 -9.17 6.74 6.05
H3'2 CPN A 6 -9.64 8.25 6.77
H2'1 CPN A 6 -7.43 9.17 6.75
H2'2 CPN A 6 -6.68 7.60 6.44
H CPN A 6 -8.53 8.24 4.37
H5 CPN A 6 -3.39 3.60 6.75
H6 CPN A 6 -5.19 5.10 6.43
HN41 CPN A 6 -2.70 1.36 7.74
HN42 CPN A 6 -3.92 0.23 8.34
C8' GPN A 1 4.73 -11.04 -4.85
C7' GPN A 1 5.98 -10.16 -4.90
O7' GPN A 1 6.60 -10.07 -5.97
C5' GPN A 1 7.61 -8.70 -3.78
C GPN A 1 7.50 -7.39 -4.58
O GPN A 1 7.76 -7.37 -5.78
N4' GPN A 1 6.37 -9.50 -3.79
C3' GPN A 1 5.68 -9.68 -2.51
C2' GPN A 1 4.95 -8.40 -2.06
N GPN A 1 4.05 -8.65 -0.91
N9 GPN A 1 3.43 -10.36 -4.62
C8 GPN A 1 2.40 -10.81 -3.84
N7 GPN A 1 1.43 -9.94 -3.68
C5 GPN A 1 1.84 -8.84 -4.41
C6 GPN A 1 1.20 -7.56 -4.60
O6 GPN A 1 0.11 -7.20 -4.19
N1 GPN A 1 1.96 -6.68 -5.37
C2 GPN A 1 3.18 -7.01 -5.95
N2 GPN A 1 3.77 -6.04 -6.65
N3 GPN A 1 3.77 -8.22 -5.80
C4 GPN A 1 3.06 -9.09 -5.02
H2 GPN A 1 3.42 -9.39 -1.14
H8'1 GPN A 1 4.86 -11.86 -4.13
H8'2 GPN A 1 4.67 -11.54 -5.79
H5'1 GPN A 1 8.43 -9.29 -4.20
H5'2 GPN A 1 7.90 -8.48 -2.76
H3'1 GPN A 1 6.42 -10.03 -1.79
H3'2 GPN A 1 4.95 -10.47 -2.54
H2'1 GPN A 1 4.34 -8.01 -2.87
H2'2 GPN A 1 5.69 -7.64 -1.78
H GPN A 1 4.60 -8.90 -0.10
H3 GPN A 1 3.52 -7.81 -0.73
H8 GPN A 1 2.41 -11.79 -3.39
HN1 GPN A 1 1.55 -5.78 -5.59
HN21 GPN A 1 4.67 -6.22 -7.08
HN22 GPN A 1 3.32 -5.15 -6.77
C8' APN A 2 5.63 -4.38 -1.20
C7' APN A 2 5.94 -3.02 -1.84
O7' APN A 2 5.41 -2.03 -1.33
C5' APN A 2 6.58 -1.80 -3.87
C APN A 2 6.72 -0.40 -3.26
O APN A 2 7.80 -0.03 -2.81
N4' APN A 2 6.74 -2.92 -2.93
C3' APN A 2 7.72 -3.95 -3.32
C2' APN A 2 7.18 -4.92 -4.39
N APN A 2 7.17 -6.29 -3.89
N9 APN A 2 4.17 -4.73 -1.13
C8 APN A 2 3.58 -5.53 -0.20
N7 APN A 2 2.32 -5.74 -0.37
C5 APN A 2 2.00 -4.97 -1.49
C6 APN A 2 0.78 -4.67 -2.17
N6 APN A 2 -0.42 -5.12 -1.78
N1 APN A 2 0.81 -3.82 -3.24
C2 APN A 2 1.99 -3.31 -3.61
N3 APN A 2 3.20 -3.52 -3.06
C4 APN A 2 3.15 -4.36 -1.98
H8'1 APN A 2 6.00 -4.36 -0.18
H8'2 APN A 2 6.12 -5.22 -1.68
H5'1 APN A 2 5.60 -1.92 -4.35
H5'2 APN A 2 7.31 -1.87 -4.68
H3'1 APN A 2 8.09 -4.47 -2.43
H3'2 APN A 2 8.60 -3.45 -3.73
H2'1 APN A 2 7.81 -4.84 -5.28
H2'2 APN A 2 6.16 -4.66 -4.72
H APN A 2 6.97 -6.40 -2.90
H8 APN A 2 4.15 -5.97 0.61
HN61 APN A 2 -0.50 -5.71 -0.97
HN62 APN A 2 -1.24 -4.86 -2.32
H21 APN A 2 1.97 -2.63 -4.44
C8' APN A 3 2.66 0.09 -1.43
C7' APN A 3 3.19 1.29 -0.61
O7' APN A 3 2.97 1.32 0.60
C5' APN A 3 4.33 3.46 -0.45
C APN A 3 3.17 4.41 -0.10
O APN A 3 2.55 4.26 0.95
N4' APN A 3 3.87 2.29 -1.23
C3' APN A 3 4.21 2.33 -2.66
C2' APN A 3 5.63 1.81 -2.95
N APN A 3 5.64 0.39 -3.30
N9 APN A 3 1.64 -0.73 -0.74
C8 APN A 3 1.86 -1.73 0.16
N7 APN A 3 0.79 -2.38 0.53
C5 APN A 3 -0.23 -1.80 -0.22
C6 APN A 3 -1.63 -2.06 -0.39
N6 APN A 3 -2.30 -3.05 0.20
N1 APN A 3 -2.33 -1.29 -1.25
C2 APN A 3 -1.70 -0.32 -1.91
N3 APN A 3 -0.41 0.04 -1.85
C4 APN A 3 0.29 -0.76 -0.97
H8'1 APN A 3 3.51 -0.54 -1.69
H8'2 APN A 3 2.21 0.40 -2.36
H5'1 APN A 3 4.80 3.13 0.47
H5'2 APN A 3 5.10 4.02 -0.99
H3'1 APN A 3 3.47 1.83 -3.30
H3'2 APN A 3 4.17 3.37 -2.99
H2'1 APN A 3 6.30 2.02 -2.10
H2'2 APN A 3 6.02 2.34 -3.82
H APN A 3 4.78 0.02 -3.68
H8 APN A 3 2.86 -1.92 0.50
HN61 APN A 3 -1.79 -3.71 0.77
HN62 APN A 3 -3.31 -3.16 0.07
H21 APN A 3 -2.31 0.29 -2.55
C8' CPN A 4 -0.65 3.70 -1.00
C7' CPN A 4 -1.33 5.09 -1.05
O7' CPN A 4 -2.49 5.21 -0.63
C5' CPN A 4 -1.28 7.50 -1.63
C CPN A 4 -1.82 7.98 -0.27
O CPN A 4 -1.05 8.14 0.68
N4' CPN A 4 -0.65 6.16 -1.56
C3' CPN A 4 0.74 6.07 -2.04
C2' CPN A 4 1.74 6.30 -0.88
N CPN A 4 2.88 5.39 -0.98
N1 CPN A 4 -1.17 2.72 0.01
C2 CPN A 4 -2.48 2.18 -0.10
N3 CPN A 4 -2.87 1.20 0.79
C4 CPN A 4 -2.04 0.77 1.75
C5 CPN A 4 -0.70 1.27 1.86
C6 CPN A 4 -0.32 2.23 0.98
O2 CPN A 4 -3.24 2.53 -0.99
N4 CPN A 4 -2.40 -0.27 2.50
H2 CPN A 4 3.48 5.46 -1.79
H8'1 CPN A 4 0.41 3.84 -0.79
H8'2 CPN A 4 -0.72 3.24 -1.96
H5'1 CPN A 4 -2.07 7.45 -2.38
H5'2 CPN A 4 -0.57 8.25 -1.96
H3'1 CPN A 4 0.89 5.11 -2.54
H3'2 CPN A 4 0.92 6.81 -2.81
H2'1 CPN A 4 2.12 7.32 -0.94
H2'2 CPN A 4 1.26 6.19 0.10
H5 CPN A 4 0.01 0.95 2.58
H6 CPN A 4 0.69 2.60 1.04
HN41 CPN A 4 -1.74 -0.68 3.14
HN42 CPN A 4 -3.31 -0.71 2.35
C8' TPN A 5 -5.32 5.38 1.49
C7' TPN A 5 -6.07 6.40 2.38
O7' TPN A 5 -6.70 5.99 3.35
C5' TPN A 5 -6.88 8.73 2.77
C TPN A 5 -6.86 8.63 4.31
O TPN A 5 -5.81 8.77 4.92
N4' TPN A 5 -6.06 7.73 2.05
C3' TPN A 5 -5.39 8.23 0.85
C2' TPN A 5 -3.86 8.41 1.07
N TPN A 5 -3.14 8.20 -0.18
N1 TPN A 5 -4.66 4.31 2.28
C6 TPN A 5 -3.32 4.42 2.63
C2 TPN A 5 -5.46 3.30 2.85
O2 TPN A 5 -6.64 3.16 2.58
N3 TPN A 5 -4.86 2.50 3.82
C4 TPN A 5 -3.51 2.50 4.14
O4 TPN A 5 -3.07 1.65 4.91
C5 TPN A 5 -2.73 3.58 3.51
C5M TPN A 5 -1.30 3.88 3.89
H8'1 TPN A 5 -4.55 5.83 0.87
H8'2 TPN A 5 -6.03 4.93 0.80
H5'1 TPN A 5 -6.54 9.73 2.55
H5'2 TPN A 5 -7.90 8.64 2.39
H3'1 TPN A 5 -5.79 9.19 0.54
H3'2 TPN A 5 -5.60 7.57 0.02
H2'1 TPN A 5 -3.49 7.70 1.81
H2'2 TPN A 5 -3.66 9.41 1.45
H TPN A 5 -3.70 8.08 -1.01
H6 TPN A 5 -2.70 5.20 2.22
HN3 TPN A 5 -5.53 1.95 4.35
HM51 TPN A 5 -0.84 3.02 4.38
HM52 TPN A 5 -0.74 4.15 3.00
HM53 TPN A 5 -1.31 4.73 4.56
C8' CPN A 6 -7.86 4.88 6.88
C7' CPN A 6 -8.57 5.54 8.10
O7' CPN A 6 -8.44 5.04 9.22
C5' CPN A 6 -10.09 7.26 9.02
C CPN A 6 -11.58 6.89 8.96
O CPN A 6 -12.38 7.79 8.65
OXT CPN A 6 -11.90 5.74 9.34
N4' CPN A 6 -9.34 6.64 7.91
C3' CPN A 6 -9.46 7.31 6.61
C2' CPN A 6 -8.22 8.20 6.34
N CPN A 6 -8.04 8.40 4.92
N1 CPN A 6 -6.61 4.16 7.23
C2 CPN A 6 -6.72 2.93 7.90
N3 CPN A 6 -5.60 2.21 8.16
C4 CPN A 6 -4.38 2.64 7.76
C5 CPN A 6 -4.24 3.87 7.02
C6 CPN A 6 -5.37 4.60 6.78
O2 CPN A 6 -7.82 2.48 8.26
N4 CPN A 6 -3.36 1.79 7.93
H8'1 CPN A 6 -7.63 5.58 6.07
H8'2 CPN A 6 -8.52 4.16 6.45
H5'1 CPN A 6 -9.99 8.34 8.95
H5'2 CPN A 6 -9.70 6.96 9.99
H3'1 CPN A 6 -10.35 7.94 6.58
H3'2 CPN A 6 -9.60 6.56 5.83
H2'1 CPN A 6 -7.31 7.75 6.76
H2'2 CPN A 6 -8.36 9.17 6.83
H CPN A 6 -8.86 8.29 4.34
H5 CPN A 6 -3.32 4.24 6.61
H6 CPN A 6 -5.29 5.51 6.20
HN41 CPN A 6 -2.44 2.03 7.62
HN42 CPN A 6 -3.58 0.87 8.27
C8' GPN A 1 5.56 -9.64 -2.81
C7' GPN A 1 6.49 -8.40 -2.88
O7' GPN A 1 6.05 -7.33 -3.28
C5' GPN A 1 8.70 -7.37 -2.84
C GPN A 1 8.59 -6.17 -1.89
O GPN A 1 8.99 -6.27 -0.73
N4' GPN A 1 7.79 -8.50 -2.53
C3' GPN A 1 8.39 -9.68 -1.90
C2' GPN A 1 8.53 -9.51 -0.38
N GPN A 1 7.23 -9.26 0.26
N9 GPN A 1 4.09 -9.39 -2.91
C8 GPN A 1 3.09 -9.86 -2.08
N7 GPN A 1 1.89 -9.47 -2.41
C5 GPN A 1 2.08 -8.66 -3.53
C6 GPN A 1 1.15 -7.88 -4.31
O6 GPN A 1 -0.08 -7.87 -4.25
N1 GPN A 1 1.78 -7.05 -5.24
C2 GPN A 1 3.13 -7.17 -5.57
N2 GPN A 1 3.58 -6.42 -6.57
N3 GPN A 1 3.98 -8.00 -4.94
C4 GPN A 1 3.42 -8.66 -3.88
H2 GPN A 1 7.32 -9.31 1.26
H8'1 GPN A 1 5.70 -10.15 -1.86
H8'2 GPN A 1 5.83 -10.29 -3.58
H5'1 GPN A 1 8.55 -7.06 -3.88
H5'2 GPN A 1 9.75 -7.70 -2.79
H3'1 GPN A 1 9.38 -9.86 -2.30
H3'2 GPN A 1 7.83 -10.58 -2.09
H2'1 GPN A 1 8.95 -10.43 0.03
H2'2 GPN A 1 9.22 -8.70 -0.13
H GPN A 1 6.60 -9.98 -0.08
H3 GPN A 1 6.88 -8.35 -0.01
H8 GPN A 1 3.29 -10.49 -1.23
HN1 GPN A 1 1.21 -6.34 -5.68
HN21 GPN A 1 4.55 -6.48 -6.84
HN22 GPN A 1 2.95 -5.77 -7.03
C8' APN A 2 4.81 -4.80 -2.40
C7' APN A 2 5.22 -3.41 -1.94
O7' APN A 2 5.05 -3.05 -0.78
C5' APN A 2 5.60 -2.51 -4.19
C APN A 2 5.72 -1.04 -4.62
O APN A 2 6.70 -0.66 -5.26
N4' APN A 2 6.00 -2.74 -2.80
C3' APN A 2 7.42 -2.61 -2.48
C2' APN A 2 8.04 -3.75 -1.64
N APN A 2 8.08 -5.02 -2.38
N9 APN A 2 3.39 -5.17 -2.14
C8 APN A 2 2.95 -6.08 -1.22
N7 APN A 2 1.66 -6.21 -1.16
C5 APN A 2 1.18 -5.31 -2.12
C6 APN A 2 -0.12 -4.93 -2.57
N6 APN A 2 -1.27 -5.37 -2.04
N1 APN A 2 -0.22 -4.05 -3.59
C2 APN A 2 0.89 -3.56 -4.14
N3 APN A 2 2.16 -3.81 -3.80
C4 APN A 2 2.25 -4.70 -2.76
H8'1 APN A 2 5.40 -5.47 -1.82
H8'2 APN A 2 5.10 -4.94 -3.44
H5'1 APN A 2 4.56 -2.81 -4.37
H5'2 APN A 2 6.21 -3.12 -4.86
H3'1 APN A 2 7.97 -2.60 -3.43
H3'2 APN A 2 7.53 -1.67 -1.95
H2'1 APN A 2 7.53 -3.88 -0.69
H2'2 APN A 2 9.08 -3.47 -1.41
H APN A 2 7.68 -4.99 -3.29
H8 APN A 2 3.64 -6.63 -0.63
HN61 APN A 2 -1.24 -6.08 -1.32
HN62 APN A 2 -2.16 -5.08 -2.42
H21 APN A 2 0.74 -2.90 -4.98
C8' APN A 3 2.53 -0.30 -2.16
C7' APN A 3 2.65 1.20 -1.88
O7' APN A 3 2.43 1.59 -0.73
C5' APN A 3 3.16 3.52 -2.56
C APN A 3 2.14 4.40 -3.30
O APN A 3 2.50 5.38 -3.96
N4' APN A 3 3.03 2.07 -2.85
C3' APN A 3 3.22 1.75 -4.30
C2' APN A 3 4.60 1.17 -4.67
N APN A 3 4.72 -0.22 -4.27
N9 APN A 3 1.50 -1.03 -1.38
C8 APN A 3 1.67 -2.12 -0.56
N7 APN A 3 0.57 -2.67 -0.15
C5 APN A 3 -0.44 -1.90 -0.74
C6 APN A 3 -1.86 -1.98 -0.76
N6 APN A 3 -2.59 -2.93 -0.16
N1 APN A 3 -2.56 -1.03 -1.41
C2 APN A 3 -1.88 -0.06 -2.05
N3 APN A 3 -0.55 0.10 -2.15
C4 APN A 3 0.12 -0.86 -1.46
H8'1 APN A 3 3.50 -0.75 -1.94
H8'2 APN A 3 2.30 -0.49 -3.20
H5'1 APN A 3 3.04 3.75 -1.49
H5'2 APN A 3 4.16 3.84 -2.85
H3'1 APN A 3 3.13 2.65 -4.90
H3'2 APN A 3 2.43 1.09 -4.64
H2'1 APN A 3 5.39 1.76 -4.21
H2'2 APN A 3 4.72 1.23 -5.76
H APN A 3 3.92 -0.62 -3.80
H8 APN A 3 2.64 -2.50 -0.31
HN61 APN A 3 -2.14 -3.66 0.36
HN62 APN A 3 -3.61 -2.95 -0.30
H21 APN A 3 -2.49 0.69 -2.52
C8' CPN A 4 -0.33 3.20 -0.32
C7' CPN A 4 -1.03 4.56 -0.40
O7' CPN A 4 -1.09 5.21 0.65
C5' CPN A 4 -2.06 6.45 -1.61
C CPN A 4 -3.59 6.50 -1.68
O CPN A 4 -4.16 6.61 -2.77
N4' CPN A 4 -1.53 5.06 -1.55
C3' CPN A 4 -1.56 4.35 -2.85
C2' CPN A 4 -0.33 4.63 -3.74
N CPN A 4 0.86 4.04 -3.15
N1 CPN A 4 -1.01 2.17 0.52
C2 CPN A 4 -2.40 1.93 0.40
N3 CPN A 4 -2.94 0.90 1.13
C4 CPN A 4 -2.18 0.12 1.91
C5 CPN A 4 -0.76 0.34 2.03
C6 CPN A 4 -0.23 1.38 1.33
O2 CPN A 4 -3.10 2.60 -0.35
N4 CPN A 4 -2.75 -0.85 2.62
H2 CPN A 4 0.72 3.24 -2.57
H8'1 CPN A 4 0.65 3.43 0.09
H8'2 CPN A 4 -0.12 2.76 -1.28
H5'1 CPN A 4 -1.72 7.05 -0.76
H5'2 CPN A 4 -1.66 6.94 -2.50
H3'1 CPN A 4 -1.68 3.27 -2.70
H3'2 CPN A 4 -2.44 4.66 -3.41
H2'1 CPN A 4 -0.20 5.70 -3.87
H2'2 CPN A 4 -0.49 4.18 -4.71
H5 CPN A 4 -0.13 -0.24 2.67
H6 CPN A 4 0.80 1.57 1.42
HN41 CPN A 4 -2.18 -1.43 3.20
HN42 CPN A 4 -3.74 -1.03 2.52
C8' TPN A 5 -3.43 5.37 2.44
C7' TPN A 5 -4.52 6.35 2.94
O7' TPN A 5 -4.30 6.93 4.00
C5' TPN A 5 -6.51 7.72 2.57
C TPN A 5 -7.99 7.37 2.76
O TPN A 5 -8.83 7.82 1.98
N4' TPN A 5 -5.64 6.58 2.21
C3' TPN A 5 -6.06 5.81 1.02
C2' TPN A 5 -5.69 6.44 -0.34
N TPN A 5 -4.24 6.45 -0.52
N1 TPN A 5 -3.16 4.20 3.33
C6 TPN A 5 -1.88 3.88 3.71
C2 TPN A 5 -4.24 3.35 3.65
O2 TPN A 5 -5.40 3.57 3.34
N3 TPN A 5 -3.93 2.19 4.38
C4 TPN A 5 -2.66 1.82 4.81
O4 TPN A 5 -2.50 0.80 5.46
C5 TPN A 5 -1.60 2.76 4.41
C5M TPN A 5 -0.17 2.53 4.81
H8'1 TPN A 5 -2.53 5.99 2.40
H8'2 TPN A 5 -3.59 4.97 1.45
H5'1 TPN A 5 -6.43 8.46 1.80
H5'2 TPN A 5 -6.21 8.20 3.51
H3'1 TPN A 5 -7.13 5.68 1.02
H3'2 TPN A 5 -5.66 4.80 1.05
H2'1 TPN A 5 -6.06 7.47 -0.40
H2'2 TPN A 5 -6.15 5.85 -1.13
H TPN A 5 -3.70 6.27 0.31
H6 TPN A 5 -1.05 4.50 3.46
HN3 TPN A 5 -4.73 1.60 4.62
HM51 TPN A 5 0.45 2.61 3.92
HM52 TPN A 5 0.11 3.33 5.50
HM53 TPN A 5 -0.04 1.55 5.26
C8' CPN A 6 -6.76 4.63 6.26
C7' CPN A 6 -7.81 5.47 7.03
O7' CPN A 6 -7.47 6.03 8.07
C5' CPN A 6 -10.13 6.20 7.37
C CPN A 6 -11.06 5.17 8.01
O CPN A 6 -10.54 4.26 8.70
OXT CPN A 6 -12.29 5.40 7.97
N4' CPN A 6 -9.08 5.59 6.55
C3' CPN A 6 -9.56 5.05 5.25
C2' CPN A 6 -9.62 6.12 4.14
N CPN A 6 -8.30 6.58 3.80
N1 CPN A 6 -5.63 4.10 7.09
C2 CPN A 6 -5.93 3.10 8.04
N3 CPN A 6 -4.92 2.38 8.59
C4 CPN A 6 -3.64 2.65 8.30
C5 CPN A 6 -3.29 3.70 7.37
C6 CPN A 6 -4.31 4.40 6.80
O2 CPN A 6 -7.10 2.84 8.33
N4 CPN A 6 -2.70 1.81 8.76
H8'1 CPN A 6 -6.39 5.21 5.42
H8'2 CPN A 6 -7.21 3.74 5.88
H5'1 CPN A 6 -10.72 6.86 6.74
H5'2 CPN A 6 -9.73 6.83 8.17
H3'1 CPN A 6 -8.95 4.23 4.88
H3'2 CPN A 6 -10.57 4.65 5.37
H2'1 CPN A 6 -10.08 5.67 3.26
H2'2 CPN A 6 -10.24 6.97 4.45
H CPN A 6 -7.54 6.25 4.36
H5 CPN A 6 -2.28 3.92 7.06
H6 CPN A 6 -4.08 5.15 6.05
HN41 CPN A 6 -1.73 1.95 8.52
HN42 CPN A 6 -3.02 0.98 9.23
#